data_8E8X
#
_entry.id   8E8X
#
_cell.length_a   1.00
_cell.length_b   1.00
_cell.length_c   1.00
_cell.angle_alpha   90.00
_cell.angle_beta   90.00
_cell.angle_gamma   90.00
#
_symmetry.space_group_name_H-M   'P 1'
#
loop_
_entity.id
_entity.type
_entity.pdbx_description
1 polymer 'Capsid protein VP1'
2 polymer 'Capsid protein VP2'
3 polymer 'Capsid protein VP3'
4 polymer 'Capsid protein VP4'
5 polymer '9H2 Fab heavy chain'
6 polymer '9H2 Fab light chain'
7 non-polymer 'PALMITIC ACID'
#
loop_
_entity_poly.entity_id
_entity_poly.type
_entity_poly.pdbx_seq_one_letter_code
_entity_poly.pdbx_strand_id
1 'polypeptide(L)'
;QDSLPDTKASGPAHSKEVPALTAVETGATNPLAPSDTVQTRHVVQRRSRSESTIESFFARGACVAIIEVDNEQPTTRAQK
LFAMWRITYKDTVQLRRKLEFFTYSRFDMEFTFVVTANFTNANNGHALNQVYQIMYIPPGAPTPKSWDDYTWQTSSNPSI
FYTYGAAPARISVPYVGLANAYSHFYDGFAKVPLKTDANDQIGDSLYSAMTVDDFGVLAVRVVNDHNPTKVTSKVRIYMK
PKHVRVWCPRPPRAVPYYGPGVDYRNNLDPLSEKGLTTY
;
1
2 'polypeptide(L)'
;YSDRVLQLTLGNSTITTQEAANSVVAYGRWPEFIRDDEANPVDQPTEPDVATCRFYTLDTVMWGKESKGWWWKLPDALRD
MGLFGQNMYYHYLGRSGYTVHVQCNASKFHQGALGVFAIPEYCLAGDSDKQRYTSYANANPGERGGKFYSQFNKDNAVTS
PKREFCPVDYLLGCGVLLGNAFVYPHQIINLRTNNSATIVLPYVNALAIDSMVKHNNWGIAILPLSPLDFAQDSSVEIPI
TVTIAPMCSEFNGLRNVTAPKFQ
;
2
3 'polypeptide(L)'
;GLPVLNTPGSNQYLTSDNHQSPCAIPEFDVTPPIDIPGEVKNMMELAEIDTMIPLNLESTKRNTMDMYRVTLSDSADLSQ
PILCLSLSPAFDPRLSHTMLGEVLNYYTHWAGSLKFTFLFCGSMMATGKILVAYAPPGAQPPTSRKEAMLGTHVIWDLGL
QSSCTMVVPWISNVTYRQTTQDSFTEGGYISMFYQTRIVVPLSTPKSMSMLGFVSACNDFSVRLLRDTTHISQSA
;
3
4 'polypeptide(L)' GAQVSSQKVGAHENSNRAYGGSTINYTTINYYKDSASNAASKQDYSQDPSKFTEPLKDVLIKTAPALN 4
5 'polypeptide(L)'
;LVQSGAELKKPGASVKFSCQASGFTFTTYDIHWVRQAPGQGLEWMGMISPSRDSTIYAQKFQGRVTMTSDTSTSTVYMEL
TSLRSEDTALYYCATASRPSAWVFRSLYTYYYMDVWGTGTTVTVSS
;
H
6 'polypeptide(L)'
;QSALTQPASVSGSPGQSITISCTGTITDIGYYNYVSWYQQHPGKAPKLIIFDVTNRPSGVSDRFSGSKSGNTASLTISGL
QAEDEGDYYCFSHRSNNIRVFGGGTKLTVL
;
L
#
loop_
_chem_comp.id
_chem_comp.type
_chem_comp.name
_chem_comp.formula
PLM non-polymer 'PALMITIC ACID' 'C16 H32 O2'
#
# COMPACT_ATOMS: atom_id res chain seq x y z
N ASP A 2 7.47 -15.59 30.42
CA ASP A 2 7.53 -15.01 29.08
C ASP A 2 8.65 -13.99 28.98
N SER A 3 9.60 -14.08 29.90
CA SER A 3 10.68 -13.10 29.98
C SER A 3 11.71 -13.33 28.88
N LEU A 4 12.50 -12.29 28.62
CA LEU A 4 13.59 -12.34 27.65
C LEU A 4 14.73 -13.20 28.19
N PRO A 5 15.60 -13.72 27.30
CA PRO A 5 16.77 -14.47 27.77
C PRO A 5 17.74 -13.60 28.56
N ASP A 6 18.29 -14.18 29.63
CA ASP A 6 19.15 -13.45 30.55
C ASP A 6 20.53 -13.22 29.92
N THR A 7 21.15 -12.11 30.32
CA THR A 7 22.49 -11.80 29.84
C THR A 7 23.50 -12.64 30.62
N LYS A 8 24.32 -13.38 29.88
CA LYS A 8 25.33 -14.23 30.48
C LYS A 8 26.60 -13.44 30.78
N ALA A 9 27.31 -13.87 31.81
CA ALA A 9 28.59 -13.25 32.13
C ALA A 9 29.65 -13.64 31.11
N SER A 10 30.45 -12.65 30.71
CA SER A 10 31.46 -12.85 29.68
C SER A 10 32.77 -12.22 30.14
N GLY A 11 33.83 -13.00 30.19
CA GLY A 11 35.14 -12.52 30.55
C GLY A 11 35.93 -12.06 29.35
N PRO A 12 37.24 -11.89 29.51
CA PRO A 12 38.08 -11.56 28.36
C PRO A 12 38.23 -12.72 27.40
N ALA A 13 38.46 -12.39 26.13
CA ALA A 13 38.53 -13.38 25.06
C ALA A 13 39.78 -13.17 24.23
N HIS A 14 40.48 -14.27 23.95
CA HIS A 14 41.61 -14.30 23.01
C HIS A 14 41.52 -15.67 22.33
N SER A 15 40.84 -15.71 21.19
CA SER A 15 40.44 -16.99 20.63
C SER A 15 40.44 -16.93 19.11
N LYS A 16 40.46 -18.12 18.51
CA LYS A 16 40.36 -18.23 17.06
C LYS A 16 38.94 -18.00 16.56
N GLU A 17 37.93 -18.24 17.42
CA GLU A 17 36.55 -17.96 17.03
C GLU A 17 36.32 -16.45 16.97
N VAL A 18 35.79 -15.97 15.85
CA VAL A 18 35.54 -14.56 15.64
C VAL A 18 34.04 -14.40 15.39
N PRO A 19 33.24 -14.17 16.43
CA PRO A 19 31.81 -13.89 16.21
C PRO A 19 31.52 -12.51 15.64
N ALA A 20 32.48 -11.58 15.68
CA ALA A 20 32.21 -10.23 15.19
C ALA A 20 32.16 -10.18 13.66
N LEU A 21 33.04 -10.90 12.99
CA LEU A 21 33.05 -10.93 11.54
C LEU A 21 31.96 -11.87 11.01
N THR A 22 31.32 -11.45 9.93
CA THR A 22 30.25 -12.20 9.29
C THR A 22 30.20 -11.79 7.84
N ALA A 23 29.15 -12.24 7.15
CA ALA A 23 28.90 -11.81 5.78
C ALA A 23 27.39 -11.66 5.61
N VAL A 24 26.93 -10.42 5.42
CA VAL A 24 25.52 -10.14 5.14
C VAL A 24 25.11 -10.51 3.72
N GLU A 25 26.08 -10.82 2.85
CA GLU A 25 25.82 -11.36 1.52
C GLU A 25 25.14 -12.73 1.57
N THR A 26 25.33 -13.48 2.66
CA THR A 26 24.66 -14.76 2.85
C THR A 26 23.15 -14.63 3.09
N GLY A 27 22.65 -13.43 3.37
CA GLY A 27 21.24 -13.23 3.65
C GLY A 27 20.86 -13.41 5.09
N ALA A 28 21.77 -13.88 5.93
CA ALA A 28 21.52 -14.06 7.35
C ALA A 28 21.97 -12.83 8.13
N THR A 29 21.30 -12.62 9.26
CA THR A 29 21.67 -11.60 10.23
C THR A 29 22.48 -12.28 11.33
N ASN A 30 23.65 -11.72 11.65
CA ASN A 30 24.58 -12.23 12.64
C ASN A 30 23.94 -12.21 14.04
N PRO A 31 23.58 -13.40 14.61
CA PRO A 31 22.75 -13.45 15.83
C PRO A 31 23.52 -13.21 17.12
N LEU A 32 24.15 -12.05 17.23
CA LEU A 32 25.04 -11.78 18.34
C LEU A 32 24.27 -11.30 19.56
N ALA A 33 24.80 -11.63 20.73
CA ALA A 33 24.45 -11.14 22.05
C ALA A 33 25.51 -10.14 22.48
N PRO A 34 25.23 -9.26 23.46
CA PRO A 34 26.30 -8.36 23.96
C PRO A 34 27.47 -9.05 24.67
N SER A 35 27.33 -10.32 25.07
CA SER A 35 28.44 -11.08 25.65
C SER A 35 29.51 -11.48 24.62
N ASP A 36 29.22 -11.37 23.32
CA ASP A 36 30.14 -11.81 22.28
C ASP A 36 31.09 -10.72 21.79
N THR A 37 30.93 -9.48 22.26
CA THR A 37 31.78 -8.40 21.77
C THR A 37 32.45 -7.68 22.94
N VAL A 38 31.69 -7.41 24.01
CA VAL A 38 32.21 -6.73 25.17
C VAL A 38 32.01 -7.62 26.39
N GLN A 39 32.73 -7.30 27.46
CA GLN A 39 32.54 -7.98 28.73
C GLN A 39 31.21 -7.58 29.35
N THR A 40 30.46 -8.58 29.82
CA THR A 40 29.13 -8.36 30.36
C THR A 40 29.02 -9.01 31.73
N ARG A 41 28.19 -8.41 32.58
CA ARG A 41 27.82 -9.01 33.85
C ARG A 41 26.56 -9.85 33.68
N HIS A 42 26.28 -10.67 34.69
CA HIS A 42 25.05 -11.46 34.69
C HIS A 42 23.88 -10.57 35.08
N VAL A 43 22.93 -10.42 34.17
CA VAL A 43 21.72 -9.62 34.40
C VAL A 43 20.53 -10.54 34.17
N VAL A 44 19.61 -10.57 35.12
CA VAL A 44 18.35 -11.31 34.96
C VAL A 44 17.33 -10.36 34.36
N GLN A 45 16.79 -10.73 33.19
CA GLN A 45 15.83 -9.90 32.49
C GLN A 45 14.42 -10.17 33.00
N ARG A 46 13.75 -9.09 33.41
CA ARG A 46 12.34 -9.13 33.77
C ARG A 46 11.53 -8.26 32.84
N ARG A 47 11.89 -8.30 31.56
CA ARG A 47 11.18 -7.59 30.50
C ARG A 47 10.57 -8.61 29.55
N SER A 48 9.43 -8.24 28.97
CA SER A 48 8.67 -9.14 28.13
C SER A 48 8.30 -8.44 26.82
N ARG A 49 8.13 -9.25 25.77
CA ARG A 49 7.64 -8.79 24.48
C ARG A 49 6.13 -8.95 24.33
N SER A 50 5.39 -8.74 25.42
CA SER A 50 3.96 -9.05 25.43
C SER A 50 3.14 -8.06 24.59
N GLU A 51 3.46 -6.77 24.66
CA GLU A 51 2.74 -5.75 23.90
C GLU A 51 3.31 -5.57 22.49
N SER A 52 4.39 -6.28 22.16
CA SER A 52 4.91 -6.34 20.80
C SER A 52 4.33 -7.50 20.00
N THR A 53 3.35 -8.21 20.57
CA THR A 53 2.66 -9.26 19.85
C THR A 53 1.72 -8.67 18.80
N ILE A 54 1.30 -9.53 17.87
CA ILE A 54 0.46 -9.14 16.74
C ILE A 54 -0.93 -8.72 17.22
N GLU A 55 -1.47 -9.45 18.21
CA GLU A 55 -2.77 -9.12 18.81
C GLU A 55 -2.74 -7.78 19.52
N SER A 56 -1.68 -7.52 20.30
CA SER A 56 -1.55 -6.23 20.98
C SER A 56 -1.25 -5.10 20.01
N PHE A 57 -0.56 -5.39 18.90
CA PHE A 57 -0.32 -4.39 17.86
C PHE A 57 -1.60 -4.02 17.12
N PHE A 58 -2.57 -4.94 17.05
CA PHE A 58 -3.79 -4.66 16.31
C PHE A 58 -5.04 -4.48 17.18
N ALA A 59 -4.96 -4.57 18.51
CA ALA A 59 -6.14 -4.39 19.36
C ALA A 59 -6.37 -2.91 19.71
N ARG A 60 -6.59 -2.11 18.68
CA ARG A 60 -6.98 -0.71 18.83
C ARG A 60 -8.08 -0.42 17.83
N GLY A 61 -8.96 0.49 18.19
CA GLY A 61 -9.98 0.95 17.26
C GLY A 61 -9.40 1.95 16.27
N ALA A 62 -9.87 1.87 15.03
CA ALA A 62 -9.42 2.75 13.95
C ALA A 62 -10.60 3.14 13.08
N CYS A 63 -10.77 4.45 12.90
CA CYS A 63 -11.86 4.99 12.09
C CYS A 63 -11.62 4.74 10.62
N VAL A 64 -12.64 4.25 9.92
CA VAL A 64 -12.51 3.95 8.50
C VAL A 64 -13.55 4.65 7.64
N ALA A 65 -14.65 5.15 8.19
CA ALA A 65 -15.65 5.81 7.36
C ALA A 65 -16.35 6.89 8.17
N ILE A 66 -16.77 7.94 7.47
CA ILE A 66 -17.67 8.95 8.03
C ILE A 66 -18.83 9.02 7.05
N ILE A 67 -19.95 8.40 7.42
CA ILE A 67 -21.15 8.33 6.60
C ILE A 67 -22.10 9.43 7.04
N GLU A 68 -22.49 10.30 6.11
CA GLU A 68 -23.35 11.44 6.39
C GLU A 68 -24.76 11.16 5.90
N VAL A 69 -25.75 11.26 6.80
CA VAL A 69 -27.16 11.16 6.44
C VAL A 69 -27.86 12.42 6.92
N ASP A 70 -28.94 12.78 6.22
CA ASP A 70 -29.71 13.97 6.51
C ASP A 70 -31.18 13.59 6.66
N ASN A 71 -31.92 14.41 7.41
CA ASN A 71 -33.35 14.18 7.65
C ASN A 71 -34.08 15.52 7.51
N GLU A 72 -34.64 15.78 6.33
CA GLU A 72 -35.43 17.00 6.12
C GLU A 72 -36.58 16.73 5.17
N GLN A 73 -37.60 17.56 5.28
CA GLN A 73 -38.78 17.55 4.41
C GLN A 73 -38.40 18.04 3.01
N PRO A 74 -39.14 17.62 1.97
CA PRO A 74 -38.77 18.03 0.60
C PRO A 74 -38.93 19.53 0.33
N THR A 75 -37.93 20.07 -0.38
CA THR A 75 -37.86 21.49 -0.68
C THR A 75 -37.41 21.63 -2.13
N THR A 76 -37.16 22.89 -2.54
CA THR A 76 -36.57 23.14 -3.84
C THR A 76 -35.12 22.63 -3.91
N ARG A 77 -34.35 22.85 -2.85
CA ARG A 77 -33.00 22.30 -2.77
C ARG A 77 -33.04 20.80 -2.54
N ALA A 78 -32.12 20.09 -3.19
CA ALA A 78 -32.08 18.64 -3.12
C ALA A 78 -31.58 18.16 -1.76
N GLN A 79 -31.95 16.93 -1.43
CA GLN A 79 -31.74 16.35 -0.10
C GLN A 79 -31.06 15.01 -0.24
N LYS A 80 -30.35 14.61 0.82
CA LYS A 80 -29.63 13.34 0.91
C LYS A 80 -30.26 12.51 2.03
N LEU A 81 -31.29 11.73 1.70
CA LEU A 81 -32.08 11.08 2.73
C LEU A 81 -31.48 9.77 3.22
N PHE A 82 -30.48 9.23 2.53
CA PHE A 82 -29.84 7.97 2.87
C PHE A 82 -28.48 7.95 2.20
N ALA A 83 -27.57 7.14 2.75
CA ALA A 83 -26.22 7.10 2.21
C ALA A 83 -25.69 5.67 2.21
N MET A 84 -24.75 5.40 1.30
CA MET A 84 -24.20 4.07 1.14
C MET A 84 -22.69 4.10 1.01
N TRP A 85 -22.01 3.19 1.71
CA TRP A 85 -20.56 3.15 1.78
C TRP A 85 -20.08 1.75 1.48
N ARG A 86 -19.21 1.63 0.48
CA ARG A 86 -18.56 0.37 0.13
C ARG A 86 -17.48 0.08 1.16
N ILE A 87 -17.48 -1.14 1.71
CA ILE A 87 -16.63 -1.47 2.85
C ILE A 87 -15.20 -1.66 2.40
N THR A 88 -14.33 -0.72 2.80
CA THR A 88 -12.89 -0.82 2.59
C THR A 88 -12.20 -0.01 3.67
N TYR A 89 -10.96 -0.40 3.95
CA TYR A 89 -10.11 0.28 4.92
C TYR A 89 -9.12 1.22 4.26
N LYS A 90 -9.03 1.18 2.93
CA LYS A 90 -7.94 1.78 2.19
C LYS A 90 -8.04 3.30 2.07
N ASP A 91 -9.15 3.90 2.51
CA ASP A 91 -9.35 5.34 2.37
C ASP A 91 -8.87 6.13 3.59
N THR A 92 -8.46 5.46 4.67
CA THR A 92 -7.81 6.11 5.82
C THR A 92 -6.41 5.52 5.95
N VAL A 93 -5.43 6.38 6.20
CA VAL A 93 -4.03 6.04 5.98
C VAL A 93 -3.44 5.18 7.11
N GLN A 94 -3.94 5.31 8.34
CA GLN A 94 -3.22 4.76 9.50
C GLN A 94 -3.41 3.26 9.64
N LEU A 95 -4.67 2.80 9.64
CA LEU A 95 -4.96 1.37 9.72
C LEU A 95 -4.49 0.65 8.47
N ARG A 96 -4.59 1.31 7.30
CA ARG A 96 -4.07 0.77 6.05
C ARG A 96 -2.55 0.60 6.13
N ARG A 97 -1.84 1.57 6.70
CA ARG A 97 -0.40 1.46 6.88
C ARG A 97 -0.03 0.37 7.88
N LYS A 98 -0.83 0.21 8.95
CA LYS A 98 -0.58 -0.86 9.92
C LYS A 98 -0.86 -2.24 9.34
N LEU A 99 -1.90 -2.37 8.51
CA LEU A 99 -2.21 -3.65 7.89
C LEU A 99 -1.20 -3.99 6.79
N GLU A 100 -0.71 -2.98 6.06
CA GLU A 100 0.24 -3.21 4.97
C GLU A 100 1.69 -3.50 5.44
N PHE A 101 1.96 -3.75 6.73
CA PHE A 101 3.19 -4.37 7.18
C PHE A 101 3.31 -5.83 6.74
N PHE A 102 2.18 -6.47 6.41
CA PHE A 102 2.14 -7.89 6.13
C PHE A 102 1.40 -8.12 4.83
N THR A 103 1.75 -9.21 4.14
CA THR A 103 1.13 -9.49 2.86
C THR A 103 -0.23 -10.13 3.02
N TYR A 104 -0.34 -11.09 3.93
CA TYR A 104 -1.58 -11.82 4.14
C TYR A 104 -1.97 -11.78 5.61
N SER A 105 -3.27 -11.67 5.86
CA SER A 105 -3.78 -11.62 7.22
C SER A 105 -5.07 -12.40 7.30
N ARG A 106 -5.38 -12.86 8.51
CA ARG A 106 -6.58 -13.63 8.78
C ARG A 106 -7.05 -13.26 10.17
N PHE A 107 -8.14 -12.48 10.27
CA PHE A 107 -8.58 -12.01 11.57
C PHE A 107 -10.10 -12.01 11.63
N ASP A 108 -10.60 -12.20 12.84
CA ASP A 108 -11.97 -11.84 13.15
C ASP A 108 -12.05 -10.34 13.38
N MET A 109 -13.25 -9.81 13.27
CA MET A 109 -13.45 -8.39 13.00
C MET A 109 -14.59 -7.87 13.87
N GLU A 110 -14.41 -6.69 14.47
CA GLU A 110 -15.36 -6.15 15.44
C GLU A 110 -15.63 -4.66 15.16
N PHE A 111 -16.73 -4.41 14.46
CA PHE A 111 -17.15 -3.06 14.11
C PHE A 111 -17.70 -2.32 15.32
N THR A 112 -17.60 -0.99 15.28
CA THR A 112 -18.25 -0.12 16.27
C THR A 112 -18.74 1.15 15.56
N PHE A 113 -19.98 1.54 15.83
CA PHE A 113 -20.62 2.67 15.18
C PHE A 113 -20.88 3.80 16.18
N VAL A 114 -20.33 4.98 15.90
CA VAL A 114 -20.53 6.17 16.73
C VAL A 114 -21.29 7.20 15.91
N VAL A 115 -22.47 7.59 16.37
CA VAL A 115 -23.39 8.45 15.63
C VAL A 115 -23.56 9.76 16.38
N THR A 116 -23.36 10.88 15.69
CA THR A 116 -23.57 12.21 16.23
C THR A 116 -24.46 12.99 15.27
N ALA A 117 -25.34 13.82 15.82
CA ALA A 117 -26.27 14.61 15.01
C ALA A 117 -26.27 16.05 15.50
N ASN A 118 -26.64 16.95 14.58
CA ASN A 118 -26.66 18.39 14.88
C ASN A 118 -27.66 19.08 13.97
N PHE A 119 -28.10 20.26 14.41
CA PHE A 119 -28.99 21.10 13.63
C PHE A 119 -28.20 21.95 12.64
N THR A 120 -28.93 22.56 11.70
CA THR A 120 -28.33 23.51 10.77
C THR A 120 -29.12 24.80 10.63
N ASN A 121 -30.33 24.88 11.16
CA ASN A 121 -31.15 26.09 11.10
C ASN A 121 -31.27 26.67 12.50
N ALA A 122 -31.02 27.97 12.61
CA ALA A 122 -31.07 28.64 13.91
C ALA A 122 -32.48 29.04 14.33
N ASN A 123 -33.49 28.80 13.50
CA ASN A 123 -34.80 29.37 13.78
C ASN A 123 -35.62 28.52 14.76
N ASN A 124 -35.57 27.19 14.67
CA ASN A 124 -36.40 26.33 15.51
C ASN A 124 -35.58 25.54 16.52
N GLY A 125 -34.68 24.69 16.07
CA GLY A 125 -33.85 23.90 16.96
C GLY A 125 -34.55 22.80 17.74
N HIS A 126 -35.74 22.37 17.30
CA HIS A 126 -36.51 21.38 18.02
C HIS A 126 -36.72 20.15 17.15
N ALA A 127 -36.28 18.99 17.63
CA ALA A 127 -36.45 17.73 16.94
C ALA A 127 -36.42 16.59 17.95
N LEU A 128 -37.11 15.51 17.63
CA LEU A 128 -37.20 14.37 18.53
C LEU A 128 -36.00 13.45 18.34
N ASN A 129 -35.97 12.38 19.14
CA ASN A 129 -34.89 11.40 19.08
C ASN A 129 -34.97 10.59 17.79
N GLN A 130 -33.81 10.20 17.27
CA GLN A 130 -33.72 9.58 15.95
C GLN A 130 -33.17 8.17 16.06
N VAL A 131 -33.71 7.28 15.21
CA VAL A 131 -33.34 5.87 15.18
C VAL A 131 -32.68 5.58 13.84
N TYR A 132 -31.49 4.99 13.88
CA TYR A 132 -30.64 4.80 12.73
C TYR A 132 -30.57 3.33 12.37
N GLN A 133 -30.77 3.02 11.09
CA GLN A 133 -30.69 1.66 10.58
C GLN A 133 -29.45 1.48 9.76
N ILE A 134 -28.58 0.55 10.15
CA ILE A 134 -27.36 0.23 9.42
C ILE A 134 -27.53 -1.19 8.90
N MET A 135 -27.80 -1.31 7.60
CA MET A 135 -28.02 -2.60 6.98
C MET A 135 -26.79 -3.01 6.19
N TYR A 136 -26.33 -4.24 6.43
CA TYR A 136 -25.28 -4.84 5.62
C TYR A 136 -25.90 -5.38 4.34
N ILE A 137 -25.37 -4.94 3.21
CA ILE A 137 -25.78 -5.46 1.92
C ILE A 137 -24.61 -6.26 1.36
N PRO A 138 -24.68 -7.59 1.37
CA PRO A 138 -23.62 -8.43 0.77
C PRO A 138 -23.57 -8.29 -0.75
N PRO A 139 -22.47 -8.71 -1.40
CA PRO A 139 -22.34 -8.49 -2.86
C PRO A 139 -23.37 -9.23 -3.72
N GLY A 140 -24.03 -8.48 -4.59
CA GLY A 140 -25.08 -8.99 -5.45
C GLY A 140 -26.49 -8.78 -4.93
N ALA A 141 -26.62 -8.52 -3.63
CA ALA A 141 -27.91 -8.24 -3.03
C ALA A 141 -28.43 -6.87 -3.49
N PRO A 142 -29.76 -6.65 -3.50
CA PRO A 142 -30.30 -5.38 -3.99
C PRO A 142 -29.94 -4.20 -3.10
N THR A 143 -29.75 -3.07 -3.75
CA THR A 143 -29.37 -1.84 -3.11
C THR A 143 -30.57 -0.88 -3.11
N PRO A 144 -30.74 -0.08 -2.06
CA PRO A 144 -31.90 0.82 -2.00
C PRO A 144 -31.82 1.97 -3.01
N LYS A 145 -32.96 2.27 -3.61
CA LYS A 145 -33.11 3.41 -4.50
C LYS A 145 -33.73 4.61 -3.81
N SER A 146 -34.29 4.43 -2.62
CA SER A 146 -34.81 5.53 -1.82
C SER A 146 -34.64 5.16 -0.35
N TRP A 147 -35.00 6.09 0.52
CA TRP A 147 -34.96 5.80 1.95
C TRP A 147 -36.13 4.94 2.41
N ASP A 148 -37.19 4.80 1.60
CA ASP A 148 -38.39 4.12 2.05
C ASP A 148 -38.79 2.92 1.18
N ASP A 149 -37.91 2.43 0.32
CA ASP A 149 -38.31 1.33 -0.55
C ASP A 149 -38.21 -0.02 0.18
N TYR A 150 -38.46 -1.09 -0.57
CA TYR A 150 -38.70 -2.41 0.01
C TYR A 150 -37.46 -3.10 0.55
N THR A 151 -36.27 -2.62 0.18
CA THR A 151 -35.02 -3.28 0.58
C THR A 151 -34.75 -3.11 2.08
N TRP A 152 -35.30 -2.07 2.69
CA TRP A 152 -35.17 -1.79 4.13
C TRP A 152 -35.97 -2.75 5.02
N GLN A 153 -36.76 -3.66 4.46
CA GLN A 153 -37.49 -4.67 5.22
C GLN A 153 -36.58 -5.74 5.84
N THR A 154 -35.30 -5.84 5.39
CA THR A 154 -34.14 -6.58 5.94
C THR A 154 -34.47 -8.01 6.43
N SER A 155 -35.12 -8.76 5.54
CA SER A 155 -35.55 -10.13 5.84
C SER A 155 -34.37 -11.08 5.98
N SER A 156 -33.38 -10.96 5.08
CA SER A 156 -32.19 -11.79 5.13
C SER A 156 -30.93 -11.02 5.51
N ASN A 157 -30.90 -9.72 5.19
CA ASN A 157 -29.74 -8.89 5.45
C ASN A 157 -29.60 -8.57 6.93
N PRO A 158 -28.38 -8.59 7.48
CA PRO A 158 -28.16 -8.15 8.86
C PRO A 158 -28.35 -6.65 9.01
N SER A 159 -29.03 -6.26 10.10
CA SER A 159 -29.38 -4.87 10.31
C SER A 159 -29.22 -4.50 11.78
N ILE A 160 -28.72 -3.29 12.01
CA ILE A 160 -28.57 -2.74 13.35
C ILE A 160 -29.49 -1.56 13.48
N PHE A 161 -30.37 -1.58 14.47
CA PHE A 161 -31.22 -0.45 14.80
C PHE A 161 -30.65 0.23 16.03
N TYR A 162 -30.15 1.45 15.84
CA TYR A 162 -29.49 2.21 16.90
C TYR A 162 -30.32 3.44 17.22
N THR A 163 -30.69 3.59 18.49
CA THR A 163 -31.40 4.76 18.97
C THR A 163 -30.38 5.77 19.48
N TYR A 164 -30.67 7.05 19.25
CA TYR A 164 -29.70 8.09 19.58
C TYR A 164 -29.59 8.33 21.07
N GLY A 165 -28.36 8.54 21.54
CA GLY A 165 -28.08 8.76 22.94
C GLY A 165 -27.65 7.52 23.70
N ALA A 166 -27.80 6.34 23.11
CA ALA A 166 -27.43 5.10 23.76
C ALA A 166 -25.93 4.85 23.64
N ALA A 167 -25.48 3.72 24.20
CA ALA A 167 -24.12 3.26 24.02
C ALA A 167 -23.89 2.88 22.55
N PRO A 168 -22.68 3.09 22.02
CA PRO A 168 -22.42 2.86 20.58
C PRO A 168 -22.60 1.41 20.14
N ALA A 169 -23.20 1.25 18.96
CA ALA A 169 -23.54 -0.04 18.40
C ALA A 169 -22.29 -0.81 18.02
N ARG A 170 -22.35 -2.12 18.18
CA ARG A 170 -21.13 -2.92 18.17
C ARG A 170 -21.48 -4.37 17.84
N ILE A 171 -20.84 -4.90 16.80
CA ILE A 171 -21.06 -6.27 16.35
C ILE A 171 -19.71 -6.89 16.02
N SER A 172 -19.71 -8.21 15.94
CA SER A 172 -18.54 -8.97 15.51
C SER A 172 -18.84 -9.63 14.17
N VAL A 173 -17.85 -9.60 13.28
CA VAL A 173 -17.90 -10.28 11.99
C VAL A 173 -16.79 -11.31 11.98
N PRO A 174 -17.05 -12.54 11.58
CA PRO A 174 -15.94 -13.51 11.46
C PRO A 174 -15.08 -13.31 10.23
N TYR A 175 -14.16 -14.24 9.98
CA TYR A 175 -13.38 -14.21 8.75
C TYR A 175 -14.27 -14.59 7.57
N VAL A 176 -14.54 -13.61 6.70
CA VAL A 176 -15.49 -13.76 5.61
C VAL A 176 -14.82 -13.97 4.26
N GLY A 177 -13.49 -13.93 4.20
CA GLY A 177 -12.81 -13.91 2.91
C GLY A 177 -12.87 -15.25 2.19
N LEU A 178 -12.86 -15.17 0.85
CA LEU A 178 -12.94 -16.37 0.02
C LEU A 178 -11.67 -17.21 0.12
N ALA A 179 -10.51 -16.57 0.16
CA ALA A 179 -9.24 -17.27 0.29
C ALA A 179 -9.02 -17.69 1.74
N ASN A 180 -7.90 -18.37 2.00
CA ASN A 180 -7.55 -18.74 3.36
C ASN A 180 -6.91 -17.60 4.14
N ALA A 181 -6.54 -16.51 3.47
CA ALA A 181 -6.08 -15.30 4.12
C ALA A 181 -6.54 -14.12 3.27
N TYR A 182 -6.77 -12.98 3.91
CA TYR A 182 -7.01 -11.76 3.16
C TYR A 182 -5.73 -11.34 2.45
N SER A 183 -5.86 -10.92 1.19
CA SER A 183 -4.72 -10.52 0.40
C SER A 183 -4.65 -9.00 0.37
N HIS A 184 -3.70 -8.44 1.12
CA HIS A 184 -3.49 -6.99 1.14
C HIS A 184 -2.94 -6.49 -0.18
N PHE A 185 -2.09 -7.27 -0.80
CA PHE A 185 -1.50 -6.96 -2.09
C PHE A 185 -1.77 -8.11 -3.04
N TYR A 186 -2.20 -7.77 -4.26
CA TYR A 186 -2.54 -8.77 -5.28
C TYR A 186 -1.82 -8.38 -6.57
N ASP A 187 -0.68 -9.02 -6.83
CA ASP A 187 0.10 -8.74 -8.03
C ASP A 187 -0.51 -9.49 -9.21
N GLY A 188 -1.60 -8.93 -9.74
CA GLY A 188 -2.26 -9.57 -10.85
C GLY A 188 -3.49 -8.84 -11.31
N PHE A 189 -4.22 -9.52 -12.19
CA PHE A 189 -5.41 -9.01 -12.85
C PHE A 189 -6.57 -9.96 -12.62
N ALA A 190 -7.79 -9.44 -12.76
CA ALA A 190 -8.99 -10.28 -12.72
C ALA A 190 -9.29 -10.92 -14.06
N LYS A 191 -8.92 -10.27 -15.16
CA LYS A 191 -9.17 -10.77 -16.51
C LYS A 191 -7.90 -10.65 -17.33
N VAL A 192 -7.72 -11.57 -18.27
CA VAL A 192 -6.59 -11.55 -19.20
C VAL A 192 -7.13 -11.18 -20.58
N PRO A 193 -6.61 -10.13 -21.21
CA PRO A 193 -6.97 -9.86 -22.61
C PRO A 193 -6.42 -10.95 -23.53
N LEU A 194 -7.25 -11.37 -24.49
CA LEU A 194 -6.91 -12.50 -25.34
C LEU A 194 -6.88 -12.06 -26.80
N LYS A 195 -6.17 -12.83 -27.63
CA LYS A 195 -6.03 -12.51 -29.06
C LYS A 195 -7.33 -12.69 -29.84
N THR A 196 -8.26 -13.50 -29.33
CA THR A 196 -9.53 -13.77 -29.98
C THR A 196 -10.65 -12.84 -29.53
N ASP A 197 -10.35 -11.86 -28.68
CA ASP A 197 -11.36 -10.92 -28.22
C ASP A 197 -11.78 -9.96 -29.34
N ALA A 198 -13.05 -9.54 -29.28
CA ALA A 198 -13.59 -8.65 -30.30
C ALA A 198 -13.01 -7.24 -30.19
N ASN A 199 -12.86 -6.73 -28.97
CA ASN A 199 -12.13 -5.49 -28.76
C ASN A 199 -11.42 -5.57 -27.42
N ASP A 200 -10.58 -4.57 -27.15
CA ASP A 200 -9.70 -4.60 -25.98
C ASP A 200 -10.46 -4.46 -24.67
N GLN A 201 -11.65 -3.86 -24.70
CA GLN A 201 -12.42 -3.59 -23.50
C GLN A 201 -13.09 -4.83 -22.90
N ILE A 202 -13.12 -5.96 -23.63
CA ILE A 202 -13.64 -7.20 -23.06
C ILE A 202 -12.70 -7.75 -22.00
N GLY A 203 -11.40 -7.75 -22.29
CA GLY A 203 -10.40 -8.25 -21.37
C GLY A 203 -9.72 -7.23 -20.49
N ASP A 204 -10.05 -5.95 -20.64
CA ASP A 204 -9.40 -4.90 -19.87
C ASP A 204 -9.87 -4.91 -18.42
N SER A 205 -8.92 -4.73 -17.50
CA SER A 205 -9.21 -4.76 -16.07
C SER A 205 -8.17 -3.94 -15.33
N LEU A 206 -8.50 -3.58 -14.10
CA LEU A 206 -7.58 -2.81 -13.27
C LEU A 206 -6.49 -3.72 -12.71
N TYR A 207 -5.27 -3.19 -12.69
CA TYR A 207 -4.17 -3.86 -12.03
C TYR A 207 -4.34 -3.73 -10.51
N SER A 208 -3.93 -4.78 -9.78
CA SER A 208 -4.00 -4.87 -8.31
C SER A 208 -5.42 -4.70 -7.78
N ALA A 209 -6.38 -5.33 -8.46
CA ALA A 209 -7.78 -5.27 -8.02
C ALA A 209 -8.38 -6.64 -8.35
N MET A 210 -8.48 -7.50 -7.33
CA MET A 210 -9.01 -8.85 -7.54
C MET A 210 -10.51 -8.80 -7.82
N THR A 211 -11.27 -8.05 -7.03
CA THR A 211 -12.70 -7.96 -7.25
C THR A 211 -13.22 -6.59 -6.86
N VAL A 212 -14.12 -6.06 -7.68
CA VAL A 212 -14.88 -4.86 -7.36
C VAL A 212 -16.09 -5.29 -6.54
N ASP A 213 -16.44 -4.49 -5.51
CA ASP A 213 -17.43 -4.79 -4.47
C ASP A 213 -17.03 -6.08 -3.73
N ASP A 214 -15.89 -5.99 -3.03
CA ASP A 214 -15.27 -7.17 -2.43
C ASP A 214 -16.05 -7.68 -1.22
N PHE A 215 -16.48 -6.78 -0.34
CA PHE A 215 -17.11 -7.19 0.90
C PHE A 215 -18.52 -6.66 1.07
N GLY A 216 -19.06 -5.96 0.08
CA GLY A 216 -20.41 -5.45 0.15
C GLY A 216 -20.45 -4.02 0.64
N VAL A 217 -21.67 -3.49 0.74
CA VAL A 217 -21.88 -2.10 1.11
C VAL A 217 -22.78 -2.02 2.34
N LEU A 218 -22.61 -0.93 3.10
CA LEU A 218 -23.45 -0.61 4.24
C LEU A 218 -24.37 0.56 3.88
N ALA A 219 -25.61 0.48 4.32
CA ALA A 219 -26.60 1.52 4.06
C ALA A 219 -27.12 2.10 5.38
N VAL A 220 -27.09 3.42 5.51
CA VAL A 220 -27.52 4.13 6.71
C VAL A 220 -28.68 5.04 6.35
N ARG A 221 -29.75 4.99 7.14
CA ARG A 221 -30.88 5.87 6.99
C ARG A 221 -31.46 6.19 8.37
N VAL A 222 -32.34 7.17 8.41
CA VAL A 222 -33.17 7.47 9.57
C VAL A 222 -34.53 6.82 9.35
N VAL A 223 -35.02 6.08 10.35
CA VAL A 223 -36.33 5.46 10.19
C VAL A 223 -37.47 6.43 10.46
N ASN A 224 -37.18 7.57 11.09
CA ASN A 224 -38.21 8.54 11.42
C ASN A 224 -38.67 9.30 10.18
N ASP A 225 -39.87 9.86 10.27
CA ASP A 225 -40.35 10.78 9.26
C ASP A 225 -39.60 12.10 9.36
N HIS A 226 -39.71 12.88 8.29
CA HIS A 226 -38.86 14.03 8.09
C HIS A 226 -39.33 15.19 8.98
N ASN A 227 -38.45 15.63 9.87
CA ASN A 227 -38.71 16.77 10.73
C ASN A 227 -38.76 18.05 9.89
N PRO A 228 -39.47 19.09 10.35
CA PRO A 228 -39.55 20.34 9.56
C PRO A 228 -38.24 21.09 9.40
N THR A 229 -37.27 20.86 10.28
CA THR A 229 -35.95 21.47 10.19
C THR A 229 -34.90 20.39 9.96
N LYS A 230 -33.84 20.78 9.26
CA LYS A 230 -32.82 19.84 8.82
C LYS A 230 -31.94 19.39 9.97
N VAL A 231 -31.81 18.07 10.13
CA VAL A 231 -30.93 17.47 11.13
C VAL A 231 -29.90 16.63 10.37
N THR A 232 -28.63 17.00 10.50
CA THR A 232 -27.53 16.36 9.79
C THR A 232 -26.80 15.43 10.75
N SER A 233 -26.68 14.16 10.36
CA SER A 233 -26.08 13.14 11.20
C SER A 233 -24.87 12.53 10.51
N LYS A 234 -23.91 12.10 11.33
CA LYS A 234 -22.71 11.45 10.82
C LYS A 234 -22.47 10.16 11.60
N VAL A 235 -22.24 9.07 10.88
CA VAL A 235 -21.99 7.76 11.47
C VAL A 235 -20.52 7.45 11.26
N ARG A 236 -19.77 7.37 12.36
CA ARG A 236 -18.36 7.03 12.33
C ARG A 236 -18.17 5.55 12.65
N ILE A 237 -17.44 4.86 11.78
CA ILE A 237 -17.28 3.41 11.84
C ILE A 237 -15.85 3.10 12.25
N TYR A 238 -15.69 2.30 13.29
CA TYR A 238 -14.39 2.01 13.86
C TYR A 238 -14.05 0.53 13.71
N MET A 239 -12.91 0.24 13.08
CA MET A 239 -12.46 -1.12 12.86
C MET A 239 -11.55 -1.56 14.00
N LYS A 240 -11.72 -2.82 14.40
CA LYS A 240 -10.79 -3.42 15.34
C LYS A 240 -10.61 -4.90 14.99
N PRO A 241 -9.45 -5.28 14.44
CA PRO A 241 -9.20 -6.71 14.18
C PRO A 241 -8.98 -7.48 15.47
N LYS A 242 -9.46 -8.73 15.49
CA LYS A 242 -9.27 -9.64 16.61
C LYS A 242 -8.83 -11.00 16.09
N HIS A 243 -8.12 -11.75 16.96
CA HIS A 243 -7.57 -13.09 16.70
C HIS A 243 -6.68 -13.08 15.45
N VAL A 244 -5.81 -12.08 15.40
CA VAL A 244 -5.12 -11.70 14.17
C VAL A 244 -3.92 -12.61 13.97
N ARG A 245 -3.82 -13.20 12.78
CA ARG A 245 -2.65 -13.94 12.33
C ARG A 245 -2.18 -13.32 11.02
N VAL A 246 -0.87 -13.13 10.87
CA VAL A 246 -0.32 -12.46 9.71
C VAL A 246 0.84 -13.24 9.13
N TRP A 247 1.12 -12.99 7.84
CA TRP A 247 2.17 -13.68 7.12
C TRP A 247 2.92 -12.68 6.25
N CYS A 248 4.19 -13.03 5.96
CA CYS A 248 5.09 -12.42 4.98
C CYS A 248 5.30 -10.93 5.19
N PRO A 249 6.17 -10.54 6.12
CA PRO A 249 6.35 -9.11 6.45
C PRO A 249 6.93 -8.29 5.30
N ARG A 250 6.48 -7.05 5.25
CA ARG A 250 6.75 -6.09 4.20
C ARG A 250 7.28 -4.82 4.83
N PRO A 251 8.05 -4.01 4.08
CA PRO A 251 8.38 -2.69 4.57
C PRO A 251 7.15 -1.80 4.62
N PRO A 252 7.09 -0.86 5.55
CA PRO A 252 5.96 0.07 5.59
C PRO A 252 6.06 1.11 4.49
N ARG A 253 4.92 1.76 4.26
CA ARG A 253 4.82 2.81 3.26
C ARG A 253 5.58 4.07 3.69
N ALA A 254 6.33 4.67 2.76
CA ALA A 254 7.19 5.80 3.06
C ALA A 254 6.76 7.11 2.41
N VAL A 255 5.91 7.05 1.40
CA VAL A 255 5.43 8.22 0.66
C VAL A 255 3.93 8.28 0.86
N PRO A 256 3.29 9.45 0.65
CA PRO A 256 1.83 9.51 0.78
C PRO A 256 1.07 8.63 -0.22
N TYR A 257 -0.01 8.04 0.29
CA TYR A 257 -0.86 7.13 -0.49
C TYR A 257 -1.63 7.89 -1.56
N TYR A 258 -1.87 7.20 -2.68
CA TYR A 258 -2.58 7.76 -3.82
C TYR A 258 -3.53 6.69 -4.34
N GLY A 259 -4.77 6.72 -3.84
CA GLY A 259 -5.76 5.76 -4.25
C GLY A 259 -5.59 4.40 -3.58
N PRO A 260 -6.38 3.41 -4.02
CA PRO A 260 -6.29 2.09 -3.39
C PRO A 260 -5.07 1.28 -3.80
N GLY A 261 -4.35 1.69 -4.85
CA GLY A 261 -3.16 0.98 -5.29
C GLY A 261 -1.91 1.44 -4.56
N VAL A 262 -0.76 1.01 -5.08
CA VAL A 262 0.54 1.36 -4.54
C VAL A 262 1.13 2.57 -5.24
N ASP A 263 0.30 3.29 -5.99
CA ASP A 263 0.74 4.45 -6.75
C ASP A 263 1.16 5.59 -5.83
N TYR A 264 2.16 6.33 -6.29
CA TYR A 264 2.66 7.50 -5.58
C TYR A 264 2.69 8.68 -6.54
N ARG A 265 2.37 9.86 -6.04
CA ARG A 265 2.41 10.99 -6.95
C ARG A 265 3.14 12.23 -6.44
N ASN A 266 2.92 12.62 -5.19
CA ASN A 266 2.98 14.05 -4.84
C ASN A 266 4.26 14.50 -4.14
N ASN A 267 4.79 13.75 -3.18
CA ASN A 267 5.91 14.24 -2.37
C ASN A 267 7.24 13.59 -2.75
N LEU A 268 7.35 12.27 -2.54
CA LEU A 268 8.51 11.42 -2.88
C LEU A 268 9.84 11.89 -2.25
N ASP A 269 9.80 12.64 -1.13
CA ASP A 269 11.01 13.21 -0.54
C ASP A 269 11.16 12.92 0.95
N PRO A 270 10.98 11.65 1.37
CA PRO A 270 10.52 11.37 2.75
C PRO A 270 11.57 11.58 3.84
N LEU A 271 12.82 11.86 3.46
CA LEU A 271 13.93 12.06 4.38
C LEU A 271 14.40 13.51 4.31
N SER A 272 14.88 13.99 5.45
CA SER A 272 15.30 15.38 5.60
C SER A 272 16.79 15.50 5.31
N GLU A 273 17.38 16.65 5.65
CA GLU A 273 18.80 16.89 5.45
C GLU A 273 19.52 16.75 6.79
N LYS A 274 20.61 15.97 6.77
CA LYS A 274 21.51 15.87 7.93
C LYS A 274 22.89 15.52 7.40
N GLY A 275 23.89 16.26 7.86
CA GLY A 275 25.26 16.03 7.42
C GLY A 275 25.83 14.71 7.91
N LEU A 276 26.85 14.24 7.17
CA LEU A 276 27.50 12.97 7.48
C LEU A 276 28.26 13.04 8.80
N THR A 277 28.93 14.15 9.06
CA THR A 277 29.74 14.32 10.26
C THR A 277 29.04 15.14 11.34
N THR A 278 27.74 15.40 11.17
CA THR A 278 26.96 16.11 12.17
C THR A 278 26.13 15.11 12.95
N TYR A 279 26.28 15.13 14.27
CA TYR A 279 25.57 14.20 15.16
C TYR A 279 24.08 14.51 15.25
N TYR B 1 34.60 -28.62 0.74
CA TYR B 1 33.29 -28.79 1.36
C TYR B 1 32.80 -27.49 1.99
N SER B 2 33.42 -26.39 1.58
CA SER B 2 32.99 -25.07 2.03
C SER B 2 31.66 -24.71 1.36
N ASP B 3 30.92 -23.79 1.98
CA ASP B 3 29.65 -23.38 1.40
C ASP B 3 29.80 -22.45 0.18
N ARG B 4 31.03 -22.02 -0.12
CA ARG B 4 31.32 -21.26 -1.31
C ARG B 4 31.16 -22.08 -2.57
N VAL B 5 31.39 -23.40 -2.50
CA VAL B 5 31.28 -24.29 -3.65
C VAL B 5 29.93 -25.01 -3.55
N LEU B 6 29.09 -24.81 -4.56
CA LEU B 6 27.73 -25.30 -4.55
C LEU B 6 27.39 -25.98 -5.87
N GLN B 7 26.61 -27.05 -5.80
CA GLN B 7 26.09 -27.72 -6.99
C GLN B 7 24.59 -27.89 -6.84
N LEU B 8 23.83 -27.36 -7.79
CA LEU B 8 22.38 -27.50 -7.84
C LEU B 8 22.02 -28.31 -9.07
N THR B 9 21.27 -29.40 -8.88
CA THR B 9 20.85 -30.23 -10.00
C THR B 9 19.34 -30.44 -9.92
N LEU B 10 18.66 -30.15 -11.02
CA LEU B 10 17.21 -30.31 -11.13
C LEU B 10 16.88 -30.73 -12.56
N GLY B 11 16.38 -31.95 -12.72
CA GLY B 11 16.05 -32.45 -14.05
C GLY B 11 17.29 -32.81 -14.84
N ASN B 12 17.37 -32.31 -16.06
CA ASN B 12 18.52 -32.58 -16.92
C ASN B 12 19.54 -31.44 -16.92
N SER B 13 19.47 -30.55 -15.93
CA SER B 13 20.32 -29.38 -15.87
C SER B 13 21.02 -29.29 -14.52
N THR B 14 22.25 -28.76 -14.54
CA THR B 14 23.10 -28.69 -13.36
C THR B 14 23.85 -27.35 -13.36
N ILE B 15 23.84 -26.67 -12.22
CA ILE B 15 24.58 -25.41 -12.04
C ILE B 15 25.65 -25.63 -10.96
N THR B 16 26.90 -25.37 -11.32
CA THR B 16 28.01 -25.43 -10.37
C THR B 16 28.60 -24.03 -10.25
N THR B 17 28.77 -23.56 -9.01
CA THR B 17 29.43 -22.29 -8.74
C THR B 17 30.51 -22.50 -7.69
N GLN B 18 31.66 -21.84 -7.89
CA GLN B 18 32.80 -21.96 -7.00
C GLN B 18 32.94 -20.81 -6.02
N GLU B 19 32.22 -19.71 -6.22
CA GLU B 19 32.24 -18.56 -5.34
C GLU B 19 30.81 -18.15 -4.96
N ALA B 20 30.03 -19.07 -4.43
CA ALA B 20 28.73 -18.71 -3.86
C ALA B 20 28.91 -18.15 -2.45
N ALA B 21 27.82 -17.58 -1.94
CA ALA B 21 27.77 -17.20 -0.53
C ALA B 21 27.22 -18.33 0.32
N ASN B 22 25.94 -18.63 0.13
CA ASN B 22 25.21 -19.76 0.72
C ASN B 22 23.92 -19.89 -0.09
N SER B 23 23.04 -20.77 0.32
CA SER B 23 21.73 -20.90 -0.28
C SER B 23 20.69 -20.44 0.73
N VAL B 24 19.82 -19.52 0.32
CA VAL B 24 18.74 -19.03 1.17
C VAL B 24 17.47 -19.79 0.80
N VAL B 25 16.88 -20.46 1.78
CA VAL B 25 15.54 -21.01 1.66
C VAL B 25 14.60 -19.99 2.28
N ALA B 26 13.67 -19.47 1.48
CA ALA B 26 12.83 -18.36 1.89
C ALA B 26 11.81 -18.79 2.93
N TYR B 27 11.81 -18.09 4.07
CA TYR B 27 10.96 -18.30 5.25
C TYR B 27 11.14 -19.69 5.87
N GLY B 28 12.28 -20.34 5.64
CA GLY B 28 12.58 -21.64 6.20
C GLY B 28 11.79 -22.80 5.63
N ARG B 29 11.13 -22.62 4.49
CA ARG B 29 10.22 -23.62 3.95
C ARG B 29 10.69 -24.07 2.58
N TRP B 30 11.03 -25.34 2.46
CA TRP B 30 11.33 -25.94 1.17
C TRP B 30 10.03 -26.12 0.39
N PRO B 31 10.08 -26.05 -0.95
CA PRO B 31 8.87 -26.29 -1.76
C PRO B 31 8.34 -27.72 -1.64
N GLU B 32 7.02 -27.83 -1.67
CA GLU B 32 6.34 -29.09 -1.39
C GLU B 32 5.05 -29.14 -2.20
N PHE B 33 4.54 -30.36 -2.38
CA PHE B 33 3.27 -30.54 -3.06
C PHE B 33 2.11 -30.25 -2.11
N ILE B 34 0.91 -30.16 -2.69
CA ILE B 34 -0.30 -29.99 -1.88
C ILE B 34 -0.63 -31.30 -1.18
N ARG B 35 -0.75 -31.26 0.13
CA ARG B 35 -1.22 -32.40 0.90
C ARG B 35 -2.74 -32.43 0.87
N ASP B 36 -3.30 -33.58 1.31
CA ASP B 36 -4.74 -33.84 1.11
C ASP B 36 -5.62 -32.95 1.98
N ASP B 37 -5.12 -32.43 3.09
CA ASP B 37 -5.91 -31.60 3.97
C ASP B 37 -5.97 -30.14 3.53
N GLU B 38 -5.28 -29.77 2.44
CA GLU B 38 -5.33 -28.42 1.92
C GLU B 38 -5.81 -28.36 0.47
N ALA B 39 -6.13 -29.50 -0.15
CA ALA B 39 -6.46 -29.54 -1.57
C ALA B 39 -7.88 -29.05 -1.78
N ASN B 40 -8.02 -27.88 -2.39
CA ASN B 40 -9.32 -27.31 -2.76
C ASN B 40 -9.93 -27.88 -4.06
N PRO B 41 -9.22 -28.02 -5.21
CA PRO B 41 -9.90 -28.65 -6.36
C PRO B 41 -9.88 -30.19 -6.29
N VAL B 42 -10.87 -30.79 -6.96
CA VAL B 42 -11.08 -32.23 -6.87
C VAL B 42 -10.45 -33.03 -8.01
N ASP B 43 -10.11 -32.37 -9.12
CA ASP B 43 -9.50 -33.05 -10.26
C ASP B 43 -8.06 -33.46 -9.93
N GLN B 44 -7.61 -34.56 -10.54
CA GLN B 44 -6.26 -35.06 -10.31
C GLN B 44 -5.23 -34.11 -10.93
N PRO B 45 -4.25 -33.64 -10.16
CA PRO B 45 -3.29 -32.68 -10.71
C PRO B 45 -2.23 -33.35 -11.58
N THR B 46 -1.73 -32.59 -12.55
CA THR B 46 -0.64 -33.03 -13.38
C THR B 46 0.68 -32.59 -12.76
N GLU B 47 1.56 -33.56 -12.47
CA GLU B 47 2.88 -33.28 -11.91
C GLU B 47 3.92 -33.81 -12.89
N PRO B 48 4.38 -32.95 -13.82
CA PRO B 48 5.28 -33.40 -14.88
C PRO B 48 6.70 -33.70 -14.42
N ASP B 49 7.09 -33.22 -13.22
CA ASP B 49 8.43 -33.35 -12.62
C ASP B 49 9.52 -32.80 -13.53
N VAL B 50 10.31 -33.72 -14.11
CA VAL B 50 11.52 -33.44 -14.89
C VAL B 50 11.25 -32.57 -16.12
N ALA B 51 10.06 -32.71 -16.72
CA ALA B 51 9.68 -31.92 -17.89
C ALA B 51 9.48 -30.44 -17.58
N THR B 52 9.16 -30.10 -16.33
CA THR B 52 9.01 -28.69 -15.93
C THR B 52 10.04 -28.23 -14.92
N CYS B 53 10.46 -29.09 -13.98
CA CYS B 53 11.40 -28.70 -12.93
C CYS B 53 12.82 -28.82 -13.46
N ARG B 54 13.24 -27.77 -14.18
CA ARG B 54 14.60 -27.68 -14.69
C ARG B 54 14.99 -26.21 -14.79
N PHE B 55 16.30 -25.96 -14.81
CA PHE B 55 16.81 -24.60 -14.83
C PHE B 55 16.62 -23.94 -16.19
N TYR B 56 15.97 -22.78 -16.20
CA TYR B 56 15.76 -21.98 -17.40
C TYR B 56 16.52 -20.66 -17.27
N THR B 57 17.21 -20.29 -18.34
CA THR B 57 18.08 -19.10 -18.34
C THR B 57 17.38 -17.99 -19.13
N LEU B 58 17.19 -16.84 -18.49
CA LEU B 58 16.58 -15.69 -19.13
C LEU B 58 17.62 -14.94 -19.97
N ASP B 59 17.20 -13.80 -20.53
CA ASP B 59 18.12 -12.94 -21.27
C ASP B 59 19.09 -12.26 -20.32
N THR B 60 20.36 -12.16 -20.74
CA THR B 60 21.36 -11.49 -19.94
C THR B 60 21.17 -9.99 -20.02
N VAL B 61 21.17 -9.32 -18.87
CA VAL B 61 21.06 -7.87 -18.83
C VAL B 61 22.46 -7.30 -18.61
N MET B 62 22.70 -6.13 -19.20
CA MET B 62 24.03 -5.52 -19.20
C MET B 62 24.08 -4.45 -18.12
N TRP B 63 24.92 -4.69 -17.09
CA TRP B 63 25.08 -3.80 -15.96
C TRP B 63 26.09 -2.72 -16.34
N GLY B 64 25.59 -1.66 -16.97
CA GLY B 64 26.40 -0.47 -17.17
C GLY B 64 26.60 0.30 -15.88
N LYS B 65 27.49 1.30 -15.96
CA LYS B 65 27.82 2.10 -14.79
C LYS B 65 26.63 2.96 -14.34
N GLU B 66 25.88 3.50 -15.29
CA GLU B 66 24.75 4.37 -14.99
C GLU B 66 23.41 3.63 -14.89
N SER B 67 23.41 2.29 -14.92
CA SER B 67 22.16 1.53 -14.83
C SER B 67 21.58 1.60 -13.42
N LYS B 68 20.25 1.46 -13.34
CA LYS B 68 19.52 1.70 -12.10
C LYS B 68 18.92 0.46 -11.47
N GLY B 69 18.66 -0.58 -12.27
CA GLY B 69 18.09 -1.80 -11.73
C GLY B 69 17.16 -2.52 -12.68
N TRP B 70 16.79 -3.76 -12.32
CA TRP B 70 16.00 -4.63 -13.18
C TRP B 70 15.00 -5.38 -12.30
N TRP B 71 13.88 -5.78 -12.91
CA TRP B 71 12.89 -6.53 -12.16
C TRP B 71 12.19 -7.55 -13.06
N TRP B 72 11.83 -8.68 -12.46
CA TRP B 72 11.09 -9.75 -13.12
C TRP B 72 9.96 -10.22 -12.24
N LYS B 73 8.97 -10.87 -12.86
CA LYS B 73 7.83 -11.43 -12.15
C LYS B 73 7.69 -12.89 -12.52
N LEU B 74 7.50 -13.74 -11.51
CA LEU B 74 7.29 -15.18 -11.66
C LEU B 74 5.82 -15.51 -11.45
N PRO B 75 5.22 -16.42 -12.23
CA PRO B 75 5.80 -17.26 -13.30
C PRO B 75 5.79 -16.61 -14.68
N ASP B 76 5.59 -15.29 -14.78
CA ASP B 76 5.48 -14.61 -16.08
C ASP B 76 6.79 -14.64 -16.88
N ALA B 77 7.94 -14.67 -16.19
CA ALA B 77 9.25 -14.77 -16.85
C ALA B 77 9.47 -16.12 -17.53
N LEU B 78 8.69 -17.15 -17.16
CA LEU B 78 8.74 -18.47 -17.78
C LEU B 78 7.54 -18.75 -18.66
N ARG B 79 6.96 -17.71 -19.29
CA ARG B 79 5.76 -17.92 -20.10
C ARG B 79 6.09 -18.57 -21.45
N ASP B 80 7.34 -18.44 -21.92
CA ASP B 80 7.78 -19.03 -23.18
C ASP B 80 8.79 -20.13 -22.96
N MET B 81 8.99 -20.55 -21.71
CA MET B 81 10.09 -21.45 -21.36
C MET B 81 9.60 -22.89 -21.42
N GLY B 82 9.30 -23.33 -22.65
CA GLY B 82 9.07 -24.74 -22.96
C GLY B 82 7.81 -25.33 -22.36
N LEU B 83 7.97 -26.51 -21.76
CA LEU B 83 6.83 -27.28 -21.28
C LEU B 83 6.20 -26.65 -20.03
N PHE B 84 6.96 -25.85 -19.28
CA PHE B 84 6.37 -25.12 -18.16
C PHE B 84 5.43 -24.03 -18.66
N GLY B 85 5.81 -23.30 -19.70
CA GLY B 85 4.93 -22.31 -20.30
C GLY B 85 3.72 -22.93 -20.98
N GLN B 86 3.92 -24.08 -21.63
CA GLN B 86 2.79 -24.81 -22.21
C GLN B 86 1.83 -25.35 -21.15
N ASN B 87 2.35 -25.92 -20.05
CA ASN B 87 1.50 -26.41 -18.97
C ASN B 87 0.82 -25.26 -18.22
N MET B 88 1.49 -24.10 -18.15
CA MET B 88 0.86 -22.91 -17.60
C MET B 88 -0.28 -22.41 -18.47
N TYR B 89 -0.11 -22.46 -19.79
CA TYR B 89 -1.15 -21.92 -20.66
C TYR B 89 -2.29 -22.91 -20.94
N TYR B 90 -2.05 -24.21 -20.82
CA TYR B 90 -3.12 -25.18 -21.06
C TYR B 90 -3.95 -25.49 -19.81
N HIS B 91 -3.55 -24.99 -18.65
CA HIS B 91 -4.26 -25.25 -17.41
C HIS B 91 -4.80 -23.95 -16.81
N TYR B 92 -5.84 -24.11 -15.97
CA TYR B 92 -6.45 -23.00 -15.28
C TYR B 92 -5.75 -22.69 -13.95
N LEU B 93 -5.36 -23.72 -13.20
CA LEU B 93 -4.71 -23.53 -11.91
C LEU B 93 -3.30 -24.10 -11.96
N GLY B 94 -2.38 -23.42 -11.30
CA GLY B 94 -1.01 -23.89 -11.22
C GLY B 94 -0.36 -23.48 -9.91
N ARG B 95 0.51 -24.35 -9.41
CA ARG B 95 1.29 -24.07 -8.21
C ARG B 95 2.71 -24.57 -8.46
N SER B 96 3.70 -23.72 -8.18
CA SER B 96 5.09 -24.13 -8.26
C SER B 96 5.92 -23.25 -7.34
N GLY B 97 6.93 -23.85 -6.71
CA GLY B 97 8.01 -23.10 -6.10
C GLY B 97 9.09 -22.81 -7.12
N TYR B 98 10.10 -22.05 -6.70
CA TYR B 98 11.16 -21.65 -7.62
C TYR B 98 12.51 -21.67 -6.92
N THR B 99 13.58 -21.93 -7.68
CA THR B 99 14.94 -21.70 -7.28
C THR B 99 15.54 -20.65 -8.21
N VAL B 100 15.87 -19.48 -7.66
CA VAL B 100 16.36 -18.36 -8.45
C VAL B 100 17.87 -18.28 -8.28
N HIS B 101 18.60 -18.37 -9.39
CA HIS B 101 20.05 -18.28 -9.39
C HIS B 101 20.47 -17.10 -10.26
N VAL B 102 21.16 -16.14 -9.66
CA VAL B 102 21.65 -14.94 -10.33
C VAL B 102 23.16 -15.04 -10.44
N GLN B 103 23.68 -14.88 -11.66
CA GLN B 103 25.09 -15.00 -11.95
C GLN B 103 25.64 -13.65 -12.38
N CYS B 104 26.68 -13.18 -11.69
CA CYS B 104 27.33 -11.92 -12.04
C CYS B 104 28.80 -12.05 -11.65
N ASN B 105 29.64 -12.36 -12.63
CA ASN B 105 31.06 -12.55 -12.38
C ASN B 105 31.83 -11.30 -12.78
N ALA B 106 32.83 -10.96 -11.98
CA ALA B 106 33.72 -9.85 -12.25
C ALA B 106 35.07 -10.16 -11.63
N SER B 107 36.10 -9.45 -12.09
CA SER B 107 37.45 -9.67 -11.61
C SER B 107 37.63 -9.08 -10.20
N LYS B 108 38.81 -9.35 -9.62
CA LYS B 108 39.15 -8.83 -8.30
C LYS B 108 39.40 -7.33 -8.29
N PHE B 109 39.59 -6.71 -9.45
CA PHE B 109 39.82 -5.27 -9.58
C PHE B 109 38.52 -4.50 -9.83
N HIS B 110 37.40 -5.19 -10.02
CA HIS B 110 36.08 -4.56 -10.08
C HIS B 110 35.50 -4.40 -8.68
N GLN B 111 34.60 -3.44 -8.53
CA GLN B 111 33.87 -3.25 -7.29
C GLN B 111 32.41 -2.96 -7.59
N GLY B 112 31.55 -3.28 -6.64
CA GLY B 112 30.12 -3.06 -6.76
C GLY B 112 29.34 -4.14 -6.04
N ALA B 113 28.07 -3.85 -5.78
CA ALA B 113 27.20 -4.76 -5.06
C ALA B 113 25.79 -4.70 -5.62
N LEU B 114 25.18 -5.88 -5.79
CA LEU B 114 23.80 -6.01 -6.22
C LEU B 114 22.97 -6.59 -5.09
N GLY B 115 21.74 -6.10 -4.93
CA GLY B 115 20.78 -6.68 -4.02
C GLY B 115 19.72 -7.45 -4.78
N VAL B 116 19.73 -8.77 -4.61
CA VAL B 116 18.76 -9.65 -5.26
C VAL B 116 17.63 -9.87 -4.24
N PHE B 117 16.50 -9.21 -4.43
CA PHE B 117 15.38 -9.28 -3.51
C PHE B 117 14.27 -10.12 -4.12
N ALA B 118 13.63 -10.93 -3.27
CA ALA B 118 12.50 -11.75 -3.66
C ALA B 118 11.26 -11.23 -2.93
N ILE B 119 10.35 -10.62 -3.67
CA ILE B 119 9.21 -9.90 -3.11
C ILE B 119 7.93 -10.69 -3.40
N PRO B 120 7.23 -11.18 -2.38
CA PRO B 120 5.90 -11.75 -2.63
C PRO B 120 4.86 -10.66 -2.82
N GLU B 121 4.06 -10.82 -3.89
CA GLU B 121 3.06 -9.87 -4.37
C GLU B 121 3.68 -8.50 -4.65
N TYR B 122 4.59 -8.49 -5.62
CA TYR B 122 5.38 -7.30 -5.97
C TYR B 122 4.53 -6.40 -6.86
N CYS B 123 3.64 -5.63 -6.23
CA CYS B 123 2.88 -4.62 -6.94
C CYS B 123 3.78 -3.44 -7.29
N LEU B 124 3.59 -2.89 -8.49
CA LEU B 124 4.37 -1.76 -8.97
C LEU B 124 3.47 -0.59 -9.28
N ALA B 125 3.98 0.62 -9.04
CA ALA B 125 3.20 1.83 -9.20
C ALA B 125 3.07 2.21 -10.67
N GLY B 126 2.01 2.96 -10.97
CA GLY B 126 1.72 3.34 -12.34
C GLY B 126 2.56 4.51 -12.82
N ASP B 127 2.31 4.89 -14.07
CA ASP B 127 3.06 5.97 -14.71
C ASP B 127 2.30 7.28 -14.80
N SER B 128 0.99 7.28 -14.55
CA SER B 128 0.15 8.44 -14.80
C SER B 128 -0.85 8.60 -13.66
N ASP B 129 -1.68 9.64 -13.78
CA ASP B 129 -2.59 10.01 -12.71
C ASP B 129 -3.75 9.04 -12.56
N LYS B 130 -4.16 8.37 -13.65
CA LYS B 130 -5.22 7.37 -13.60
C LYS B 130 -4.75 6.16 -12.81
N GLN B 131 -5.34 5.96 -11.64
CA GLN B 131 -4.87 4.95 -10.70
C GLN B 131 -5.19 3.55 -11.20
N ARG B 132 -4.18 2.67 -11.09
CA ARG B 132 -4.25 1.23 -11.41
C ARG B 132 -4.61 0.96 -12.87
N TYR B 133 -4.19 1.86 -13.77
CA TYR B 133 -4.53 1.83 -15.18
C TYR B 133 -3.51 1.06 -16.03
N THR B 134 -2.55 0.39 -15.41
CA THR B 134 -1.52 -0.30 -16.17
C THR B 134 -2.06 -1.55 -16.84
N SER B 135 -1.78 -1.70 -18.13
CA SER B 135 -2.30 -2.77 -18.96
C SER B 135 -1.61 -4.09 -18.64
N TYR B 136 -2.23 -5.19 -19.09
CA TYR B 136 -1.67 -6.52 -18.86
C TYR B 136 -0.40 -6.74 -19.69
N ALA B 137 -0.33 -6.12 -20.87
CA ALA B 137 0.85 -6.26 -21.73
C ALA B 137 2.08 -5.60 -21.12
N ASN B 138 1.91 -4.46 -20.45
CA ASN B 138 3.04 -3.78 -19.85
C ASN B 138 3.38 -4.34 -18.47
N ALA B 139 2.37 -4.80 -17.71
CA ALA B 139 2.62 -5.35 -16.39
C ALA B 139 3.27 -6.73 -16.43
N ASN B 140 3.18 -7.42 -17.56
CA ASN B 140 3.76 -8.74 -17.75
C ASN B 140 4.77 -8.65 -18.88
N PRO B 141 6.03 -8.31 -18.59
CA PRO B 141 7.02 -8.18 -19.67
C PRO B 141 7.69 -9.48 -20.07
N GLY B 142 7.50 -10.56 -19.31
CA GLY B 142 8.11 -11.82 -19.66
C GLY B 142 9.57 -11.88 -19.26
N GLU B 143 10.36 -12.57 -20.10
CA GLU B 143 11.78 -12.77 -19.83
C GLU B 143 12.62 -11.51 -20.05
N ARG B 144 12.09 -10.51 -20.76
CA ARG B 144 12.79 -9.25 -20.93
C ARG B 144 12.86 -8.46 -19.62
N GLY B 145 11.79 -8.53 -18.83
CA GLY B 145 11.74 -7.82 -17.57
C GLY B 145 11.53 -6.32 -17.77
N GLY B 146 11.80 -5.57 -16.70
CA GLY B 146 11.66 -4.13 -16.72
C GLY B 146 12.88 -3.48 -16.10
N LYS B 147 12.86 -2.15 -16.07
CA LYS B 147 13.95 -1.35 -15.53
C LYS B 147 13.42 -0.31 -14.56
N PHE B 148 14.23 0.02 -13.56
CA PHE B 148 13.90 1.09 -12.64
C PHE B 148 14.36 2.43 -13.21
N TYR B 149 13.76 3.50 -12.70
CA TYR B 149 14.05 4.86 -13.16
C TYR B 149 14.40 5.73 -11.97
N SER B 150 15.28 6.71 -12.19
CA SER B 150 15.79 7.51 -11.09
C SER B 150 14.83 8.60 -10.62
N GLN B 151 13.76 8.89 -11.36
CA GLN B 151 12.80 9.90 -10.97
C GLN B 151 11.43 9.57 -11.55
N PHE B 152 10.39 10.14 -10.95
CA PHE B 152 9.03 10.04 -11.46
C PHE B 152 8.91 11.05 -12.60
N ASN B 153 9.01 10.56 -13.83
CA ASN B 153 8.63 11.35 -15.00
C ASN B 153 7.15 11.08 -15.24
N LYS B 154 6.31 12.08 -14.98
CA LYS B 154 4.87 11.94 -15.05
C LYS B 154 4.43 11.93 -16.51
N ASP B 155 3.96 10.79 -17.01
CA ASP B 155 3.46 10.72 -18.37
C ASP B 155 2.12 11.43 -18.48
N ASN B 156 2.00 12.32 -19.46
CA ASN B 156 0.85 13.21 -19.54
C ASN B 156 0.34 13.37 -20.97
N ALA B 157 0.46 12.32 -21.78
CA ALA B 157 -0.02 12.37 -23.16
C ALA B 157 -1.55 12.41 -23.22
N VAL B 158 -2.07 13.19 -24.17
CA VAL B 158 -3.51 13.37 -24.31
C VAL B 158 -4.17 12.10 -24.83
N THR B 159 -3.54 11.44 -25.78
CA THR B 159 -4.08 10.23 -26.40
C THR B 159 -2.95 9.20 -26.40
N SER B 160 -3.32 7.92 -26.15
CA SER B 160 -2.44 6.77 -25.94
C SER B 160 -1.54 7.01 -24.74
N PRO B 161 -2.04 6.87 -23.51
CA PRO B 161 -1.28 7.24 -22.31
C PRO B 161 -0.23 6.23 -21.87
N LYS B 162 0.03 5.21 -22.70
CA LYS B 162 1.08 4.18 -22.71
C LYS B 162 0.92 3.10 -21.66
N ARG B 163 0.06 3.33 -20.64
CA ARG B 163 -0.33 2.44 -19.54
C ARG B 163 0.80 1.62 -18.91
N GLU B 164 1.97 2.24 -18.71
CA GLU B 164 3.16 1.53 -18.29
C GLU B 164 3.30 1.59 -16.77
N PHE B 165 4.39 0.99 -16.29
CA PHE B 165 4.86 1.25 -14.94
C PHE B 165 5.83 2.43 -14.95
N CYS B 166 6.08 2.99 -13.77
CA CYS B 166 7.21 3.89 -13.56
C CYS B 166 7.83 3.59 -12.21
N PRO B 167 8.63 2.48 -12.12
CA PRO B 167 9.19 2.08 -10.83
C PRO B 167 10.38 2.94 -10.44
N VAL B 168 10.21 3.76 -9.40
CA VAL B 168 11.27 4.61 -8.87
C VAL B 168 12.17 3.75 -7.99
N ASP B 169 13.49 3.87 -8.21
CA ASP B 169 14.45 2.85 -7.77
C ASP B 169 14.67 2.84 -6.26
N TYR B 170 14.77 4.03 -5.64
CA TYR B 170 14.90 4.07 -4.18
C TYR B 170 13.59 3.80 -3.47
N LEU B 171 12.48 3.90 -4.18
CA LEU B 171 11.17 3.54 -3.68
C LEU B 171 10.76 2.12 -3.99
N LEU B 172 11.64 1.33 -4.66
CA LEU B 172 11.45 -0.07 -5.08
C LEU B 172 10.24 -0.27 -6.02
N GLY B 173 9.75 0.80 -6.64
CA GLY B 173 8.55 0.80 -7.42
C GLY B 173 7.24 0.65 -6.66
N CYS B 174 7.26 0.67 -5.32
CA CYS B 174 6.03 0.46 -4.57
C CYS B 174 5.91 1.35 -3.34
N GLY B 175 6.73 2.39 -3.23
CA GLY B 175 6.53 3.37 -2.19
C GLY B 175 7.13 3.03 -0.84
N VAL B 176 7.96 2.00 -0.77
CA VAL B 176 8.66 1.66 0.46
C VAL B 176 10.13 1.94 0.24
N LEU B 177 10.84 2.34 1.29
CA LEU B 177 12.24 2.67 1.12
C LEU B 177 13.08 1.40 0.89
N LEU B 178 14.11 1.54 0.02
CA LEU B 178 14.93 0.41 -0.43
C LEU B 178 15.71 -0.24 0.70
N GLY B 179 16.12 0.55 1.69
CA GLY B 179 16.83 0.03 2.86
C GLY B 179 16.03 -0.93 3.72
N ASN B 180 14.71 -0.81 3.71
CA ASN B 180 13.84 -1.70 4.46
C ASN B 180 13.45 -2.96 3.71
N ALA B 181 13.87 -3.11 2.45
CA ALA B 181 13.51 -4.27 1.63
C ALA B 181 14.25 -5.55 2.02
N PHE B 182 15.14 -5.51 3.01
CA PHE B 182 15.89 -6.65 3.50
C PHE B 182 15.05 -7.58 4.39
N VAL B 183 13.80 -7.20 4.71
CA VAL B 183 12.89 -8.13 5.36
C VAL B 183 12.30 -9.13 4.36
N TYR B 184 12.38 -8.84 3.06
CA TYR B 184 12.17 -9.85 2.04
C TYR B 184 13.34 -10.83 2.03
N PRO B 185 13.13 -12.06 1.55
CA PRO B 185 14.26 -12.98 1.34
C PRO B 185 15.22 -12.45 0.27
N HIS B 186 16.51 -12.48 0.59
CA HIS B 186 17.48 -11.69 -0.17
C HIS B 186 18.87 -12.27 -0.03
N GLN B 187 19.70 -11.99 -1.04
CA GLN B 187 21.14 -12.19 -0.97
C GLN B 187 21.83 -11.07 -1.72
N ILE B 188 23.05 -10.75 -1.31
CA ILE B 188 23.83 -9.65 -1.88
C ILE B 188 24.99 -10.23 -2.68
N ILE B 189 25.09 -9.85 -3.94
CA ILE B 189 26.24 -10.23 -4.76
C ILE B 189 27.28 -9.11 -4.63
N ASN B 190 28.21 -9.30 -3.69
CA ASN B 190 29.33 -8.39 -3.50
C ASN B 190 30.53 -8.97 -4.24
N LEU B 191 31.11 -8.19 -5.16
CA LEU B 191 32.06 -8.72 -6.14
C LEU B 191 33.38 -9.16 -5.54
N ARG B 192 33.76 -8.59 -4.40
CA ARG B 192 34.91 -9.07 -3.65
C ARG B 192 34.60 -10.33 -2.85
N THR B 193 33.32 -10.65 -2.66
CA THR B 193 32.89 -11.74 -1.80
C THR B 193 32.35 -12.94 -2.59
N ASN B 194 31.35 -12.74 -3.43
CA ASN B 194 30.75 -13.86 -4.15
C ASN B 194 30.34 -13.40 -5.55
N ASN B 195 30.24 -14.37 -6.47
CA ASN B 195 29.80 -14.05 -7.82
C ASN B 195 28.40 -14.58 -8.13
N SER B 196 27.74 -15.24 -7.17
CA SER B 196 26.44 -15.84 -7.43
C SER B 196 25.57 -15.79 -6.19
N ALA B 197 24.26 -15.79 -6.40
CA ALA B 197 23.26 -15.79 -5.33
C ALA B 197 22.18 -16.81 -5.63
N THR B 198 21.73 -17.51 -4.59
CA THR B 198 20.71 -18.55 -4.72
C THR B 198 19.62 -18.33 -3.69
N ILE B 199 18.39 -18.15 -4.15
CA ILE B 199 17.22 -18.08 -3.27
C ILE B 199 16.24 -19.16 -3.70
N VAL B 200 15.76 -19.94 -2.72
CA VAL B 200 14.77 -20.98 -2.96
C VAL B 200 13.43 -20.48 -2.43
N LEU B 201 12.46 -20.34 -3.33
CA LEU B 201 11.17 -19.73 -2.99
C LEU B 201 10.08 -20.78 -2.88
N PRO B 202 9.48 -20.99 -1.71
CA PRO B 202 8.28 -21.83 -1.63
C PRO B 202 7.07 -21.10 -2.22
N TYR B 203 6.03 -21.89 -2.52
CA TYR B 203 4.79 -21.33 -3.02
C TYR B 203 4.10 -20.55 -1.91
N VAL B 204 3.99 -19.24 -2.10
CA VAL B 204 3.45 -18.33 -1.10
C VAL B 204 2.23 -17.66 -1.71
N ASN B 205 1.05 -17.97 -1.17
CA ASN B 205 -0.20 -17.39 -1.60
C ASN B 205 -1.24 -17.61 -0.51
N ALA B 206 -2.33 -16.86 -0.59
CA ALA B 206 -3.48 -17.03 0.29
C ALA B 206 -4.36 -18.21 -0.11
N LEU B 207 -4.11 -18.82 -1.27
CA LEU B 207 -4.81 -20.01 -1.72
C LEU B 207 -3.82 -21.15 -1.88
N ALA B 208 -4.33 -22.38 -1.82
CA ALA B 208 -3.49 -23.55 -2.05
C ALA B 208 -3.05 -23.66 -3.50
N ILE B 209 -3.85 -23.14 -4.43
CA ILE B 209 -3.52 -23.13 -5.86
C ILE B 209 -4.23 -21.91 -6.47
N ASP B 210 -3.64 -21.38 -7.54
CA ASP B 210 -4.12 -20.14 -8.13
C ASP B 210 -3.83 -20.16 -9.63
N SER B 211 -4.47 -19.23 -10.34
CA SER B 211 -4.22 -19.06 -11.77
C SER B 211 -2.89 -18.37 -11.98
N MET B 212 -1.99 -19.04 -12.71
CA MET B 212 -0.66 -18.48 -12.95
C MET B 212 -0.68 -17.38 -14.01
N VAL B 213 -1.62 -17.45 -14.95
CA VAL B 213 -1.71 -16.44 -16.00
C VAL B 213 -2.22 -15.12 -15.44
N LYS B 214 -3.23 -15.18 -14.57
CA LYS B 214 -3.78 -13.97 -13.99
C LYS B 214 -2.88 -13.38 -12.92
N HIS B 215 -2.19 -14.23 -12.15
CA HIS B 215 -1.58 -13.82 -10.89
C HIS B 215 -0.10 -14.17 -10.88
N ASN B 216 0.72 -13.20 -10.47
CA ASN B 216 2.15 -13.42 -10.22
C ASN B 216 2.38 -13.41 -8.72
N ASN B 217 2.94 -14.50 -8.20
CA ASN B 217 3.10 -14.64 -6.76
C ASN B 217 4.43 -14.08 -6.26
N TRP B 218 5.51 -14.26 -7.01
CA TRP B 218 6.82 -13.78 -6.61
C TRP B 218 7.35 -12.76 -7.60
N GLY B 219 8.11 -11.80 -7.08
CA GLY B 219 8.82 -10.85 -7.91
C GLY B 219 10.27 -10.77 -7.49
N ILE B 220 11.15 -10.70 -8.48
CA ILE B 220 12.59 -10.66 -8.28
C ILE B 220 13.07 -9.29 -8.72
N ALA B 221 13.72 -8.56 -7.81
CA ALA B 221 14.27 -7.24 -8.12
C ALA B 221 15.76 -7.22 -7.84
N ILE B 222 16.54 -6.77 -8.83
CA ILE B 222 17.99 -6.68 -8.74
C ILE B 222 18.36 -5.21 -8.86
N LEU B 223 18.99 -4.67 -7.83
CA LEU B 223 19.32 -3.24 -7.79
C LEU B 223 20.77 -3.07 -7.36
N PRO B 224 21.55 -2.19 -8.03
CA PRO B 224 22.91 -1.92 -7.55
C PRO B 224 22.93 -1.08 -6.28
N LEU B 225 23.26 -1.72 -5.15
CA LEU B 225 23.42 -1.01 -3.89
C LEU B 225 24.67 -0.13 -3.90
N SER B 226 25.77 -0.66 -4.42
CA SER B 226 26.96 0.10 -4.73
C SER B 226 27.13 0.10 -6.25
N PRO B 227 27.48 1.24 -6.86
CA PRO B 227 27.62 1.28 -8.31
C PRO B 227 28.87 0.54 -8.80
N LEU B 228 28.83 0.13 -10.05
CA LEU B 228 29.94 -0.58 -10.66
C LEU B 228 31.04 0.40 -11.04
N ASP B 229 32.25 0.16 -10.53
CA ASP B 229 33.42 0.97 -10.86
C ASP B 229 34.55 0.05 -11.33
N PHE B 230 35.30 0.55 -12.31
CA PHE B 230 36.51 -0.11 -12.80
C PHE B 230 37.60 0.97 -12.85
N ALA B 231 38.81 0.58 -13.22
CA ALA B 231 39.99 1.43 -13.25
C ALA B 231 39.86 2.49 -14.34
N GLN B 232 39.61 3.73 -13.89
CA GLN B 232 39.74 5.02 -14.64
C GLN B 232 39.10 5.04 -16.04
N ASP B 233 37.97 4.35 -16.21
CA ASP B 233 37.21 4.48 -17.44
C ASP B 233 35.71 4.46 -17.13
N SER B 234 34.92 5.01 -18.04
CA SER B 234 33.48 5.17 -17.86
C SER B 234 32.63 4.17 -18.64
N SER B 235 33.23 3.38 -19.54
CA SER B 235 32.48 2.50 -20.42
C SER B 235 32.39 1.06 -19.92
N VAL B 236 32.55 0.84 -18.61
CA VAL B 236 32.53 -0.52 -18.08
C VAL B 236 31.09 -1.04 -18.02
N GLU B 237 30.89 -2.27 -18.51
CA GLU B 237 29.60 -2.93 -18.44
C GLU B 237 29.85 -4.43 -18.36
N ILE B 238 29.26 -5.09 -17.37
CA ILE B 238 29.44 -6.52 -17.16
C ILE B 238 28.07 -7.19 -17.25
N PRO B 239 27.97 -8.47 -17.63
CA PRO B 239 26.65 -9.12 -17.73
C PRO B 239 26.13 -9.72 -16.44
N ILE B 240 24.81 -9.68 -16.31
CA ILE B 240 24.08 -10.33 -15.22
C ILE B 240 23.14 -11.34 -15.85
N THR B 241 23.16 -12.57 -15.35
CA THR B 241 22.33 -13.66 -15.86
C THR B 241 21.45 -14.17 -14.71
N VAL B 242 20.15 -14.29 -14.97
CA VAL B 242 19.19 -14.80 -13.99
C VAL B 242 18.69 -16.14 -14.48
N THR B 243 18.74 -17.15 -13.61
CA THR B 243 18.32 -18.52 -13.95
C THR B 243 17.32 -19.00 -12.91
N ILE B 244 16.16 -19.45 -13.39
CA ILE B 244 15.05 -19.87 -12.53
C ILE B 244 14.68 -21.30 -12.90
N ALA B 245 14.57 -22.17 -11.90
CA ALA B 245 14.01 -23.51 -12.05
C ALA B 245 12.71 -23.61 -11.26
N PRO B 246 11.59 -24.02 -11.87
CA PRO B 246 10.39 -24.36 -11.09
C PRO B 246 10.62 -25.58 -10.20
N MET B 247 9.90 -25.64 -9.09
CA MET B 247 10.01 -26.75 -8.15
C MET B 247 8.65 -27.13 -7.60
N CYS B 248 8.41 -28.46 -7.56
CA CYS B 248 7.14 -29.08 -7.12
C CYS B 248 5.94 -28.54 -7.91
N SER B 249 6.11 -28.47 -9.23
CA SER B 249 5.10 -27.90 -10.09
C SER B 249 3.89 -28.82 -10.23
N GLU B 250 2.70 -28.26 -10.04
CA GLU B 250 1.48 -29.03 -10.23
C GLU B 250 0.42 -28.14 -10.87
N PHE B 251 -0.38 -28.75 -11.74
CA PHE B 251 -1.36 -28.07 -12.58
C PHE B 251 -2.64 -28.90 -12.55
N ASN B 252 -3.78 -28.26 -12.28
CA ASN B 252 -4.99 -29.01 -12.00
C ASN B 252 -5.98 -29.08 -13.15
N GLY B 253 -6.49 -27.94 -13.61
CA GLY B 253 -7.66 -27.95 -14.49
C GLY B 253 -7.39 -27.72 -15.96
N LEU B 254 -7.47 -28.78 -16.76
CA LEU B 254 -7.11 -28.72 -18.17
C LEU B 254 -8.24 -28.13 -19.00
N ARG B 255 -7.85 -27.40 -20.03
CA ARG B 255 -8.79 -26.75 -20.95
C ARG B 255 -8.00 -26.43 -22.21
N ASN B 256 -8.65 -25.73 -23.13
CA ASN B 256 -7.98 -25.26 -24.35
C ASN B 256 -7.04 -24.11 -24.02
N VAL B 257 -6.15 -23.81 -24.97
CA VAL B 257 -4.97 -23.00 -24.69
C VAL B 257 -5.35 -21.52 -24.53
N THR B 258 -4.58 -20.83 -23.70
CA THR B 258 -4.68 -19.38 -23.54
C THR B 258 -3.74 -18.71 -24.52
N ALA B 259 -4.24 -17.71 -25.23
CA ALA B 259 -3.43 -16.89 -26.13
C ALA B 259 -3.61 -15.43 -25.72
N PRO B 260 -2.80 -14.95 -24.78
CA PRO B 260 -2.91 -13.55 -24.36
C PRO B 260 -2.43 -12.58 -25.42
N LYS B 261 -3.00 -11.38 -25.39
CA LYS B 261 -2.71 -10.33 -26.38
C LYS B 261 -1.62 -9.43 -25.80
N PHE B 262 -0.37 -9.75 -26.12
CA PHE B 262 0.76 -8.94 -25.70
C PHE B 262 1.08 -7.88 -26.74
N GLY C 1 -35.62 -8.38 38.68
CA GLY C 1 -34.84 -9.58 38.94
C GLY C 1 -33.66 -9.35 39.87
N LEU C 2 -32.45 -9.60 39.35
CA LEU C 2 -31.24 -9.40 40.12
C LEU C 2 -30.96 -7.91 40.29
N PRO C 3 -30.76 -7.42 41.51
CA PRO C 3 -30.43 -6.00 41.70
C PRO C 3 -29.03 -5.69 41.22
N VAL C 4 -28.92 -4.69 40.35
CA VAL C 4 -27.66 -4.30 39.75
C VAL C 4 -27.41 -2.82 40.00
N LEU C 5 -26.14 -2.44 40.04
CA LEU C 5 -25.73 -1.05 40.23
C LEU C 5 -24.72 -0.71 39.15
N ASN C 6 -25.04 0.30 38.34
CA ASN C 6 -24.14 0.70 37.27
C ASN C 6 -22.98 1.52 37.81
N THR C 7 -21.78 1.09 37.51
CA THR C 7 -20.52 1.71 37.88
C THR C 7 -20.21 2.86 36.94
N PRO C 8 -19.33 3.79 37.33
CA PRO C 8 -18.81 4.78 36.36
C PRO C 8 -18.02 4.12 35.23
N GLY C 9 -18.13 4.72 34.05
CA GLY C 9 -17.61 4.11 32.85
C GLY C 9 -18.59 3.25 32.10
N SER C 10 -19.86 3.27 32.50
CA SER C 10 -20.89 2.58 31.74
C SER C 10 -21.23 3.38 30.49
N ASN C 11 -21.59 2.66 29.44
CA ASN C 11 -21.96 3.14 28.09
C ASN C 11 -20.83 3.88 27.38
N GLN C 12 -19.58 3.74 27.83
CA GLN C 12 -18.46 4.36 27.15
C GLN C 12 -17.92 3.44 26.07
N TYR C 13 -17.07 4.01 25.21
CA TYR C 13 -16.29 3.26 24.23
C TYR C 13 -14.83 3.64 24.43
N LEU C 14 -14.00 2.66 24.80
CA LEU C 14 -12.61 2.92 25.17
C LEU C 14 -11.67 2.88 23.99
N THR C 15 -12.05 2.19 22.90
CA THR C 15 -11.27 1.79 21.71
C THR C 15 -10.08 0.87 22.03
N SER C 16 -9.99 0.33 23.25
CA SER C 16 -8.93 -0.60 23.57
C SER C 16 -9.43 -1.73 24.47
N ASP C 17 -10.73 -1.87 24.63
CA ASP C 17 -11.30 -2.88 25.52
C ASP C 17 -11.48 -4.21 24.79
N ASN C 18 -11.48 -5.29 25.58
CA ASN C 18 -11.56 -6.65 25.06
C ASN C 18 -12.95 -7.25 25.17
N HIS C 19 -13.99 -6.43 25.29
CA HIS C 19 -15.34 -6.89 25.61
C HIS C 19 -15.96 -7.69 24.48
N GLN C 20 -16.77 -8.68 24.85
CA GLN C 20 -17.49 -9.50 23.89
C GLN C 20 -18.61 -8.70 23.24
N SER C 21 -19.05 -9.20 22.08
CA SER C 21 -19.99 -8.49 21.23
C SER C 21 -20.75 -9.50 20.40
N PRO C 22 -22.03 -9.24 20.07
CA PRO C 22 -22.80 -10.20 19.27
C PRO C 22 -22.32 -10.30 17.82
N CYS C 23 -22.63 -11.44 17.21
CA CYS C 23 -22.15 -11.73 15.86
C CYS C 23 -23.26 -11.46 14.85
N ALA C 24 -22.95 -10.62 13.86
CA ALA C 24 -23.95 -10.23 12.87
C ALA C 24 -24.20 -11.33 11.84
N ILE C 25 -23.23 -12.22 11.60
CA ILE C 25 -23.40 -13.34 10.67
C ILE C 25 -23.20 -14.63 11.46
N PRO C 26 -24.24 -15.16 12.12
CA PRO C 26 -24.06 -16.37 12.92
C PRO C 26 -24.05 -17.63 12.05
N GLU C 27 -23.46 -18.68 12.64
CA GLU C 27 -23.27 -20.01 12.02
C GLU C 27 -22.52 -19.93 10.69
N PHE C 28 -21.54 -19.04 10.61
CA PHE C 28 -20.76 -18.85 9.40
C PHE C 28 -19.71 -19.95 9.27
N ASP C 29 -19.61 -20.51 8.07
CA ASP C 29 -18.61 -21.54 7.78
C ASP C 29 -17.33 -20.83 7.38
N VAL C 30 -16.41 -20.70 8.34
CA VAL C 30 -15.14 -20.03 8.10
C VAL C 30 -14.25 -20.95 7.29
N THR C 31 -13.54 -20.38 6.31
CA THR C 31 -12.56 -21.11 5.51
C THR C 31 -11.41 -21.60 6.41
N PRO C 32 -11.03 -22.89 6.31
CA PRO C 32 -9.99 -23.39 7.20
C PRO C 32 -8.62 -22.84 6.84
N PRO C 33 -7.74 -22.65 7.82
CA PRO C 33 -6.41 -22.08 7.54
C PRO C 33 -5.48 -23.08 6.88
N ILE C 34 -4.49 -22.54 6.19
CA ILE C 34 -3.44 -23.33 5.58
C ILE C 34 -2.09 -22.80 6.06
N ASP C 35 -1.06 -23.63 5.91
CA ASP C 35 0.27 -23.33 6.42
C ASP C 35 1.01 -22.47 5.40
N ILE C 36 0.68 -21.19 5.41
CA ILE C 36 1.38 -20.21 4.58
C ILE C 36 2.76 -19.96 5.20
N PRO C 37 3.84 -19.96 4.39
CA PRO C 37 5.17 -19.68 4.95
C PRO C 37 5.32 -18.22 5.41
N GLY C 38 6.16 -18.04 6.43
CA GLY C 38 6.49 -16.70 6.89
C GLY C 38 5.54 -16.10 7.90
N GLU C 39 5.06 -16.91 8.85
CA GLU C 39 4.16 -16.41 9.87
C GLU C 39 4.91 -15.61 10.92
N VAL C 40 4.36 -14.45 11.27
CA VAL C 40 4.94 -13.54 12.25
C VAL C 40 4.06 -13.57 13.50
N LYS C 41 4.67 -13.90 14.64
CA LYS C 41 3.93 -13.90 15.90
C LYS C 41 4.21 -12.67 16.77
N ASN C 42 5.29 -11.96 16.49
CA ASN C 42 5.71 -10.83 17.33
C ASN C 42 6.39 -9.80 16.44
N MET C 43 6.18 -8.52 16.74
CA MET C 43 6.77 -7.44 15.94
C MET C 43 8.28 -7.33 16.11
N MET C 44 8.84 -7.92 17.18
CA MET C 44 10.29 -7.91 17.37
C MET C 44 11.04 -8.88 16.49
N GLU C 45 10.34 -9.80 15.82
CA GLU C 45 10.97 -10.56 14.74
C GLU C 45 11.30 -9.66 13.55
N LEU C 46 10.51 -8.62 13.32
CA LEU C 46 10.76 -7.68 12.23
C LEU C 46 11.93 -6.76 12.55
N ALA C 47 12.05 -6.34 13.80
CA ALA C 47 13.14 -5.46 14.21
C ALA C 47 14.48 -6.20 14.28
N GLU C 48 14.47 -7.52 14.43
CA GLU C 48 15.69 -8.30 14.43
C GLU C 48 16.22 -8.61 13.04
N ILE C 49 15.48 -8.26 11.99
CA ILE C 49 15.95 -8.38 10.61
C ILE C 49 16.80 -7.16 10.29
N ASP C 50 17.99 -7.39 9.74
CA ASP C 50 18.97 -6.33 9.55
C ASP C 50 18.70 -5.55 8.27
N THR C 51 18.55 -4.23 8.39
CA THR C 51 18.14 -3.35 7.30
C THR C 51 19.10 -2.18 7.18
N MET C 52 19.14 -1.55 6.00
CA MET C 52 20.11 -0.49 5.73
C MET C 52 19.75 0.83 6.42
N ILE C 53 20.75 1.70 6.53
CA ILE C 53 20.62 3.02 7.12
C ILE C 53 20.88 4.07 6.05
N PRO C 54 20.00 5.07 5.88
CA PRO C 54 20.32 6.21 5.01
C PRO C 54 21.35 7.13 5.62
N LEU C 55 22.63 6.78 5.51
CA LEU C 55 23.64 7.40 6.35
C LEU C 55 24.07 8.78 5.85
N ASN C 56 24.03 9.01 4.53
CA ASN C 56 24.63 10.22 3.95
C ASN C 56 23.78 11.46 4.21
N LEU C 57 22.63 11.54 3.54
CA LEU C 57 21.57 12.56 3.72
C LEU C 57 22.05 14.00 3.53
N GLU C 58 23.05 14.21 2.66
CA GLU C 58 23.38 15.56 2.27
C GLU C 58 22.33 16.09 1.29
N SER C 59 22.43 17.40 1.00
CA SER C 59 21.37 18.12 0.29
C SER C 59 21.22 17.67 -1.17
N THR C 60 22.32 17.34 -1.83
CA THR C 60 22.24 16.86 -3.20
C THR C 60 22.10 15.34 -3.30
N LYS C 61 22.26 14.62 -2.19
CA LYS C 61 22.24 13.17 -2.21
C LYS C 61 21.01 12.56 -1.54
N ARG C 62 20.29 13.33 -0.73
CA ARG C 62 19.07 12.82 -0.11
C ARG C 62 17.98 12.65 -1.16
N ASN C 63 17.09 11.68 -0.91
CA ASN C 63 15.97 11.26 -1.77
C ASN C 63 16.44 10.80 -3.15
N THR C 64 17.67 10.29 -3.22
CA THR C 64 18.21 9.48 -4.32
C THR C 64 18.85 8.28 -3.66
N MET C 65 19.35 7.34 -4.46
CA MET C 65 19.97 6.13 -3.92
C MET C 65 21.37 6.36 -3.36
N ASP C 66 21.96 7.55 -3.53
CA ASP C 66 23.27 7.85 -2.94
C ASP C 66 23.24 8.03 -1.42
N MET C 67 22.06 8.03 -0.79
CA MET C 67 21.96 8.16 0.67
C MET C 67 22.52 6.94 1.41
N TYR C 68 22.49 5.75 0.79
CA TYR C 68 22.79 4.53 1.51
C TYR C 68 24.27 4.18 1.50
N ARG C 69 25.03 4.79 0.61
CA ARG C 69 26.45 4.48 0.44
C ARG C 69 27.28 5.61 1.00
N VAL C 70 28.28 5.26 1.79
CA VAL C 70 29.23 6.21 2.36
C VAL C 70 30.57 6.01 1.67
N THR C 71 31.11 7.08 1.11
CA THR C 71 32.32 6.95 0.30
C THR C 71 33.56 6.85 1.19
N LEU C 72 34.49 6.00 0.78
CA LEU C 72 35.80 5.85 1.40
C LEU C 72 36.85 5.99 0.32
N SER C 73 38.00 6.58 0.68
CA SER C 73 39.02 6.85 -0.31
C SER C 73 40.39 6.79 0.33
N ASP C 74 41.42 6.62 -0.51
CA ASP C 74 42.78 6.66 -0.02
C ASP C 74 43.28 8.08 0.25
N SER C 75 42.67 9.07 -0.40
CA SER C 75 43.04 10.47 -0.24
C SER C 75 42.31 11.17 0.90
N ALA C 76 41.51 10.44 1.68
CA ALA C 76 40.70 11.06 2.72
C ALA C 76 41.57 11.50 3.89
N ASP C 77 41.10 12.54 4.59
CA ASP C 77 41.81 13.03 5.78
C ASP C 77 41.51 12.08 6.94
N LEU C 78 42.57 11.46 7.47
CA LEU C 78 42.43 10.45 8.50
C LEU C 78 42.09 11.02 9.87
N SER C 79 42.20 12.33 10.06
CA SER C 79 41.93 12.95 11.35
C SER C 79 40.44 13.19 11.61
N GLN C 80 39.62 13.15 10.56
CA GLN C 80 38.21 13.51 10.67
C GLN C 80 37.33 12.28 10.50
N PRO C 81 36.16 12.23 11.14
CA PRO C 81 35.34 11.01 11.10
C PRO C 81 34.69 10.75 9.74
N ILE C 82 34.36 9.47 9.54
CA ILE C 82 33.68 9.04 8.33
C ILE C 82 32.18 9.36 8.42
N LEU C 83 31.53 8.91 9.48
CA LEU C 83 30.16 9.33 9.75
C LEU C 83 29.95 9.43 11.25
N CYS C 84 28.86 10.10 11.62
CA CYS C 84 28.43 10.26 13.00
C CYS C 84 26.92 10.01 13.09
N LEU C 85 26.52 9.31 14.15
CA LEU C 85 25.12 8.98 14.38
C LEU C 85 24.76 9.29 15.83
N SER C 86 23.63 9.96 16.03
CA SER C 86 23.04 10.08 17.36
C SER C 86 22.14 8.88 17.60
N LEU C 87 22.34 8.20 18.72
CA LEU C 87 21.59 6.97 19.01
C LEU C 87 20.24 7.33 19.64
N SER C 88 19.34 7.84 18.79
CA SER C 88 17.94 8.03 19.11
C SER C 88 17.17 7.40 17.95
N PRO C 89 16.96 6.07 17.98
CA PRO C 89 16.66 5.34 16.73
C PRO C 89 15.28 5.59 16.13
N ALA C 90 14.35 6.17 16.87
CA ALA C 90 13.11 6.60 16.26
C ALA C 90 13.11 8.07 15.84
N PHE C 91 14.00 8.89 16.38
CA PHE C 91 14.04 10.31 16.06
C PHE C 91 15.13 10.70 15.08
N ASP C 92 16.29 10.03 15.13
CA ASP C 92 17.45 10.43 14.34
C ASP C 92 17.18 10.21 12.87
N PRO C 93 17.37 11.23 12.00
CA PRO C 93 16.81 11.20 10.64
C PRO C 93 17.41 10.15 9.69
N ARG C 94 18.47 9.47 10.09
CA ARG C 94 18.96 8.27 9.42
C ARG C 94 18.27 7.03 9.97
N LEU C 95 18.28 6.85 11.30
CA LEU C 95 17.75 5.63 11.91
C LEU C 95 16.23 5.59 11.96
N SER C 96 15.54 6.71 11.75
CA SER C 96 14.09 6.78 11.91
C SER C 96 13.35 5.97 10.84
N HIS C 97 13.83 6.04 9.62
CA HIS C 97 13.15 5.40 8.51
C HIS C 97 13.67 4.00 8.23
N THR C 98 14.59 3.49 9.05
CA THR C 98 14.85 2.06 9.02
C THR C 98 13.70 1.31 9.69
N MET C 99 13.62 0.01 9.39
CA MET C 99 12.52 -0.84 9.81
C MET C 99 12.49 -1.02 11.33
N LEU C 100 13.68 -0.99 11.96
CA LEU C 100 13.77 -0.85 13.41
C LEU C 100 13.11 0.44 13.88
N GLY C 101 13.48 1.57 13.28
CA GLY C 101 12.87 2.85 13.65
C GLY C 101 11.43 2.98 13.22
N GLU C 102 11.02 2.26 12.17
CA GLU C 102 9.62 2.25 11.77
C GLU C 102 8.74 1.46 12.74
N VAL C 103 9.25 0.35 13.29
CA VAL C 103 8.54 -0.31 14.39
C VAL C 103 8.57 0.56 15.64
N LEU C 104 9.71 1.22 15.89
CA LEU C 104 9.90 2.06 17.08
C LEU C 104 9.03 3.31 17.08
N ASN C 105 8.66 3.83 15.90
CA ASN C 105 7.77 4.97 15.84
C ASN C 105 6.31 4.64 16.15
N TYR C 106 5.95 3.36 16.26
CA TYR C 106 4.65 2.95 16.78
C TYR C 106 4.65 2.74 18.29
N TYR C 107 5.76 3.08 18.96
CA TYR C 107 5.89 2.86 20.39
C TYR C 107 6.53 4.10 21.02
N THR C 108 6.38 4.24 22.34
CA THR C 108 7.02 5.34 23.05
C THR C 108 8.26 4.93 23.83
N HIS C 109 8.34 3.69 24.31
CA HIS C 109 9.40 3.25 25.20
C HIS C 109 10.13 2.07 24.57
N TRP C 110 11.47 2.09 24.62
CA TRP C 110 12.26 1.01 24.07
C TRP C 110 13.41 0.67 24.98
N ALA C 111 13.85 -0.59 24.90
CA ALA C 111 14.97 -1.08 25.67
C ALA C 111 15.62 -2.22 24.91
N GLY C 112 16.89 -2.44 25.20
CA GLY C 112 17.64 -3.55 24.63
C GLY C 112 18.84 -3.09 23.84
N SER C 113 19.68 -4.07 23.52
CA SER C 113 20.92 -3.82 22.81
C SER C 113 20.67 -3.80 21.30
N LEU C 114 21.60 -3.17 20.58
CA LEU C 114 21.47 -2.97 19.15
C LEU C 114 22.70 -3.52 18.42
N LYS C 115 22.48 -4.07 17.23
CA LYS C 115 23.54 -4.51 16.34
C LYS C 115 23.70 -3.50 15.23
N PHE C 116 24.91 -2.99 15.06
CA PHE C 116 25.27 -2.19 13.90
C PHE C 116 26.24 -2.98 13.04
N THR C 117 25.89 -3.14 11.77
CA THR C 117 26.63 -3.98 10.84
C THR C 117 27.06 -3.12 9.66
N PHE C 118 28.27 -3.32 9.18
CA PHE C 118 28.79 -2.55 8.06
C PHE C 118 29.35 -3.49 7.00
N LEU C 119 29.12 -3.15 5.74
CA LEU C 119 29.51 -3.99 4.61
C LEU C 119 30.39 -3.20 3.65
N PHE C 120 31.57 -3.74 3.36
CA PHE C 120 32.56 -3.07 2.52
C PHE C 120 32.36 -3.52 1.08
N CYS C 121 32.11 -2.56 0.19
CA CYS C 121 31.77 -2.84 -1.19
C CYS C 121 32.89 -2.46 -2.15
N GLY C 122 34.12 -2.36 -1.66
CA GLY C 122 35.26 -2.07 -2.51
C GLY C 122 35.74 -3.30 -3.27
N SER C 123 36.84 -3.11 -3.99
CA SER C 123 37.49 -4.20 -4.69
C SER C 123 38.15 -5.17 -3.70
N MET C 124 38.48 -6.36 -4.21
CA MET C 124 39.11 -7.39 -3.40
C MET C 124 40.56 -7.04 -3.07
N MET C 125 41.22 -6.28 -3.94
CA MET C 125 42.58 -5.85 -3.67
C MET C 125 42.64 -4.76 -2.60
N ALA C 126 41.54 -4.03 -2.41
CA ALA C 126 41.49 -2.99 -1.39
C ALA C 126 41.41 -3.61 0.00
N THR C 127 42.20 -3.06 0.92
CA THR C 127 42.20 -3.51 2.30
C THR C 127 42.53 -2.32 3.19
N GLY C 128 42.16 -2.45 4.46
CA GLY C 128 42.37 -1.40 5.44
C GLY C 128 41.72 -1.80 6.74
N LYS C 129 41.79 -0.90 7.71
CA LYS C 129 41.12 -1.10 8.98
C LYS C 129 40.22 0.10 9.29
N ILE C 130 39.23 -0.13 10.15
CA ILE C 130 38.21 0.85 10.50
C ILE C 130 37.85 0.69 11.98
N LEU C 131 37.83 1.81 12.72
CA LEU C 131 37.40 1.84 14.11
C LEU C 131 36.00 2.43 14.18
N VAL C 132 35.04 1.63 14.66
CA VAL C 132 33.68 2.10 14.93
C VAL C 132 33.51 2.14 16.45
N ALA C 133 32.99 3.26 16.95
CA ALA C 133 32.98 3.52 18.39
C ALA C 133 31.58 3.95 18.83
N TYR C 134 31.19 3.51 20.02
CA TYR C 134 29.98 3.96 20.70
C TYR C 134 30.37 4.74 21.94
N ALA C 135 29.89 5.98 22.03
CA ALA C 135 30.09 6.82 23.20
C ALA C 135 28.79 6.93 23.98
N PRO C 136 28.75 6.46 25.23
CA PRO C 136 27.59 6.73 26.08
C PRO C 136 27.47 8.21 26.39
N PRO C 137 26.25 8.72 26.62
CA PRO C 137 26.06 10.18 26.70
C PRO C 137 26.58 10.78 28.00
N GLY C 138 26.55 12.11 28.04
CA GLY C 138 27.08 12.85 29.16
C GLY C 138 28.45 13.45 28.95
N ALA C 139 28.98 13.40 27.73
CA ALA C 139 30.28 13.97 27.42
C ALA C 139 30.19 14.68 26.07
N GLN C 140 31.31 15.29 25.68
CA GLN C 140 31.43 15.86 24.35
C GLN C 140 31.36 14.76 23.29
N PRO C 141 30.66 14.98 22.17
CA PRO C 141 30.71 14.04 21.05
C PRO C 141 32.10 13.92 20.47
N PRO C 142 32.52 12.71 20.07
CA PRO C 142 33.91 12.50 19.62
C PRO C 142 34.21 13.17 18.29
N THR C 143 35.17 14.10 18.33
CA THR C 143 35.64 14.81 17.15
C THR C 143 36.95 14.27 16.62
N SER C 144 37.59 13.35 17.35
CA SER C 144 38.83 12.71 16.92
C SER C 144 38.82 11.27 17.41
N ARG C 145 39.72 10.45 16.85
CA ARG C 145 39.81 9.04 17.24
C ARG C 145 40.33 8.87 18.66
N LYS C 146 41.12 9.83 19.16
CA LYS C 146 41.67 9.79 20.52
C LYS C 146 40.57 9.86 21.57
N GLU C 147 39.51 10.63 21.29
CA GLU C 147 38.34 10.63 22.18
C GLU C 147 37.47 9.39 21.98
N ALA C 148 37.36 8.91 20.74
CA ALA C 148 36.43 7.83 20.44
C ALA C 148 36.92 6.47 20.91
N MET C 149 38.25 6.28 21.00
CA MET C 149 38.79 5.00 21.44
C MET C 149 38.58 4.72 22.92
N LEU C 150 38.24 5.72 23.72
CA LEU C 150 37.99 5.53 25.14
C LEU C 150 36.64 4.88 25.42
N GLY C 151 35.72 4.87 24.45
CA GLY C 151 34.44 4.23 24.62
C GLY C 151 34.47 2.79 24.13
N THR C 152 33.26 2.22 24.01
CA THR C 152 33.10 0.87 23.49
C THR C 152 33.38 0.88 21.99
N HIS C 153 34.35 0.08 21.55
CA HIS C 153 34.79 0.16 20.17
C HIS C 153 35.27 -1.18 19.65
N VAL C 154 35.11 -1.37 18.33
CA VAL C 154 35.54 -2.55 17.61
C VAL C 154 36.43 -2.10 16.45
N ILE C 155 37.58 -2.75 16.29
CA ILE C 155 38.47 -2.50 15.17
C ILE C 155 38.19 -3.56 14.11
N TRP C 156 37.84 -3.13 12.90
CA TRP C 156 37.36 -3.98 11.82
C TRP C 156 38.46 -4.15 10.80
N ASP C 157 38.85 -5.40 10.51
CA ASP C 157 39.82 -5.69 9.48
C ASP C 157 39.11 -6.09 8.20
N LEU C 158 39.45 -5.43 7.09
CA LEU C 158 38.81 -5.66 5.79
C LEU C 158 39.48 -6.84 5.10
N GLY C 159 39.03 -8.05 5.46
CA GLY C 159 39.59 -9.25 4.89
C GLY C 159 38.65 -9.99 3.96
N LEU C 160 38.69 -11.32 4.01
CA LEU C 160 37.80 -12.15 3.20
C LEU C 160 36.34 -12.01 3.65
N GLN C 161 36.11 -12.06 4.96
CA GLN C 161 34.78 -11.79 5.50
C GLN C 161 34.53 -10.30 5.43
N SER C 162 33.64 -9.88 4.53
CA SER C 162 33.49 -8.49 4.13
C SER C 162 32.67 -7.67 5.13
N SER C 163 32.16 -8.26 6.19
CA SER C 163 31.23 -7.58 7.08
C SER C 163 31.63 -7.77 8.54
N CYS C 164 31.33 -6.75 9.35
CA CYS C 164 31.55 -6.81 10.79
C CYS C 164 30.33 -6.27 11.52
N THR C 165 30.12 -6.79 12.73
CA THR C 165 29.00 -6.40 13.56
C THR C 165 29.51 -5.70 14.82
N MET C 166 29.04 -4.47 15.04
CA MET C 166 29.21 -3.77 16.30
C MET C 166 27.94 -3.97 17.12
N VAL C 167 28.10 -4.39 18.36
CA VAL C 167 26.98 -4.51 19.29
C VAL C 167 27.05 -3.33 20.26
N VAL C 168 25.99 -2.53 20.28
CA VAL C 168 25.85 -1.44 21.23
C VAL C 168 25.17 -2.00 22.48
N PRO C 169 25.87 -2.07 23.62
CA PRO C 169 25.27 -2.65 24.83
C PRO C 169 24.27 -1.71 25.47
N TRP C 170 23.35 -2.30 26.23
CA TRP C 170 22.28 -1.54 26.88
C TRP C 170 22.83 -0.88 28.14
N ILE C 171 23.25 0.38 27.98
CA ILE C 171 23.69 1.23 29.08
C ILE C 171 22.71 2.39 29.18
N SER C 172 21.98 2.46 30.29
CA SER C 172 20.96 3.49 30.46
C SER C 172 20.71 3.75 31.94
N ASN C 173 20.24 4.95 32.24
CA ASN C 173 19.80 5.33 33.58
C ASN C 173 18.35 4.96 33.85
N VAL C 174 17.62 4.49 32.84
CA VAL C 174 16.21 4.15 32.94
C VAL C 174 16.02 2.75 32.40
N THR C 175 14.91 2.13 32.80
CA THR C 175 14.60 0.79 32.31
C THR C 175 14.16 0.82 30.85
N TYR C 176 13.47 1.88 30.43
CA TYR C 176 13.02 2.05 29.05
C TYR C 176 13.34 3.46 28.59
N ARG C 177 14.02 3.57 27.45
CA ARG C 177 14.33 4.86 26.85
C ARG C 177 13.18 5.34 25.99
N GLN C 178 13.00 6.66 25.95
CA GLN C 178 11.93 7.24 25.14
C GLN C 178 12.33 7.29 23.67
N THR C 179 11.32 7.20 22.80
CA THR C 179 11.54 7.22 21.36
C THR C 179 11.57 8.61 20.77
N THR C 180 11.10 9.63 21.50
CA THR C 180 11.23 11.00 21.07
C THR C 180 12.60 11.53 21.49
N GLN C 181 12.89 12.79 21.16
CA GLN C 181 14.17 13.41 21.51
C GLN C 181 14.12 14.00 22.93
N ASP C 182 14.07 13.08 23.90
CA ASP C 182 14.20 13.41 25.30
C ASP C 182 15.68 13.54 25.65
N SER C 183 16.06 14.67 26.27
CA SER C 183 17.45 14.85 26.66
C SER C 183 17.80 14.05 27.92
N PHE C 184 16.80 13.67 28.72
CA PHE C 184 17.07 12.90 29.92
C PHE C 184 17.38 11.44 29.59
N THR C 185 16.69 10.87 28.60
CA THR C 185 16.87 9.48 28.20
C THR C 185 17.56 9.38 26.84
N GLU C 186 18.60 10.19 26.62
CA GLU C 186 19.36 10.11 25.38
C GLU C 186 20.24 8.86 25.36
N GLY C 187 20.50 8.37 24.15
CA GLY C 187 21.16 7.08 23.99
C GLY C 187 22.64 7.12 23.69
N GLY C 188 23.16 8.27 23.28
CA GLY C 188 24.57 8.42 23.05
C GLY C 188 24.90 8.67 21.59
N TYR C 189 26.19 8.48 21.28
CA TYR C 189 26.74 8.84 19.98
C TYR C 189 27.51 7.67 19.40
N ILE C 190 27.41 7.49 18.09
CA ILE C 190 28.14 6.46 17.36
C ILE C 190 28.96 7.14 16.28
N SER C 191 30.27 6.87 16.27
CA SER C 191 31.19 7.50 15.32
C SER C 191 32.09 6.44 14.72
N MET C 192 32.61 6.75 13.52
CA MET C 192 33.48 5.81 12.82
C MET C 192 34.68 6.56 12.28
N PHE C 193 35.87 5.98 12.46
CA PHE C 193 37.13 6.63 12.12
C PHE C 193 38.02 5.68 11.35
N TYR C 194 38.93 6.26 10.57
CA TYR C 194 39.99 5.46 9.96
C TYR C 194 41.03 5.11 11.00
N GLN C 195 41.35 3.83 11.10
CA GLN C 195 42.56 3.35 11.77
C GLN C 195 43.38 2.69 10.68
N THR C 196 44.60 3.18 10.46
CA THR C 196 45.39 3.09 9.21
C THR C 196 44.53 3.73 8.12
N ARG C 197 44.59 3.21 6.90
CA ARG C 197 43.76 3.75 5.81
C ARG C 197 43.55 2.66 4.76
N ILE C 198 42.72 3.00 3.78
CA ILE C 198 42.49 2.12 2.64
C ILE C 198 43.68 2.19 1.70
N VAL C 199 44.26 1.03 1.39
CA VAL C 199 45.35 0.95 0.43
C VAL C 199 44.89 0.14 -0.78
N VAL C 200 45.14 0.67 -1.97
CA VAL C 200 44.78 0.01 -3.22
C VAL C 200 46.06 -0.08 -4.06
N PRO C 201 46.17 -1.06 -4.95
CA PRO C 201 47.25 -1.05 -5.94
C PRO C 201 46.88 -0.17 -7.13
N LEU C 202 47.75 -0.18 -8.14
CA LEU C 202 47.46 0.52 -9.37
C LEU C 202 46.43 -0.24 -10.19
N SER C 203 45.77 0.50 -11.10
CA SER C 203 44.64 0.05 -11.92
C SER C 203 43.50 -0.52 -11.06
N THR C 204 43.16 0.23 -10.01
CA THR C 204 42.12 -0.10 -9.03
C THR C 204 41.37 1.21 -8.77
N PRO C 205 40.05 1.14 -8.53
CA PRO C 205 39.31 2.35 -8.12
C PRO C 205 39.78 2.90 -6.77
N LYS C 206 40.13 4.19 -6.77
CA LYS C 206 40.64 4.87 -5.59
C LYS C 206 39.56 5.24 -4.59
N SER C 207 38.30 5.27 -5.02
CA SER C 207 37.18 5.57 -4.13
C SER C 207 36.20 4.41 -4.15
N MET C 208 35.61 4.13 -2.99
CA MET C 208 34.73 2.98 -2.84
C MET C 208 33.66 3.30 -1.80
N SER C 209 32.64 2.45 -1.75
CA SER C 209 31.46 2.70 -0.94
C SER C 209 31.34 1.65 0.16
N MET C 210 30.68 2.04 1.24
CA MET C 210 30.40 1.17 2.38
C MET C 210 28.94 1.33 2.77
N LEU C 211 28.29 0.22 3.10
CA LEU C 211 26.87 0.22 3.47
C LEU C 211 26.72 -0.09 4.96
N GLY C 212 25.83 0.63 5.63
CA GLY C 212 25.58 0.45 7.05
C GLY C 212 24.24 -0.25 7.24
N PHE C 213 24.16 -1.02 8.33
CA PHE C 213 23.03 -1.89 8.61
C PHE C 213 22.70 -1.81 10.10
N VAL C 214 21.43 -1.97 10.48
CA VAL C 214 21.06 -1.87 11.91
C VAL C 214 19.94 -2.87 12.20
N SER C 215 20.03 -3.50 13.38
CA SER C 215 19.03 -4.45 13.86
C SER C 215 19.12 -4.55 15.38
N ALA C 216 18.05 -5.07 15.96
CA ALA C 216 17.94 -5.29 17.40
C ALA C 216 18.46 -6.67 17.80
N CYS C 217 18.82 -6.81 19.07
CA CYS C 217 19.30 -8.08 19.60
C CYS C 217 18.13 -8.90 20.13
N ASN C 218 18.43 -9.99 20.83
CA ASN C 218 17.40 -10.83 21.42
C ASN C 218 16.85 -10.29 22.74
N ASP C 219 17.48 -9.27 23.32
CA ASP C 219 17.00 -8.69 24.58
C ASP C 219 16.22 -7.40 24.36
N PHE C 220 15.58 -7.26 23.21
CA PHE C 220 14.92 -6.02 22.81
C PHE C 220 13.42 -6.12 23.05
N SER C 221 12.86 -5.07 23.65
CA SER C 221 11.45 -5.02 23.97
C SER C 221 10.96 -3.58 23.96
N VAL C 222 9.69 -3.40 23.60
CA VAL C 222 8.98 -2.12 23.62
C VAL C 222 7.66 -2.34 24.33
N ARG C 223 7.06 -1.27 24.87
CA ARG C 223 5.74 -1.46 25.46
C ARG C 223 4.63 -0.60 24.84
N LEU C 224 4.62 0.72 25.05
CA LEU C 224 3.37 1.48 24.97
C LEU C 224 3.13 1.96 23.54
N LEU C 225 2.05 1.45 22.92
CA LEU C 225 1.74 1.71 21.52
C LEU C 225 1.20 3.12 21.32
N ARG C 226 1.50 3.70 20.16
CA ARG C 226 1.06 5.06 19.83
C ARG C 226 0.97 5.20 18.31
N ASP C 227 0.57 6.38 17.88
CA ASP C 227 0.47 6.74 16.47
C ASP C 227 1.86 7.04 15.91
N THR C 228 1.95 7.13 14.59
CA THR C 228 3.20 7.45 13.92
C THR C 228 3.06 8.79 13.19
N THR C 229 4.17 9.51 13.11
CA THR C 229 4.20 10.80 12.42
C THR C 229 4.64 10.70 10.97
N HIS C 230 5.00 9.51 10.50
CA HIS C 230 5.53 9.34 9.16
C HIS C 230 4.46 9.34 8.07
N ILE C 231 3.19 9.23 8.44
CA ILE C 231 2.10 9.22 7.48
C ILE C 231 1.23 10.45 7.74
N SER C 232 0.57 10.93 6.68
CA SER C 232 -0.31 12.08 6.79
C SER C 232 -1.40 11.97 5.72
N GLN C 233 -2.51 12.65 5.96
CA GLN C 233 -3.63 12.65 5.04
C GLN C 233 -4.18 14.05 4.90
N SER C 234 -4.39 14.49 3.67
CA SER C 234 -4.90 15.82 3.39
C SER C 234 -6.43 15.83 3.46
N ALA C 235 -6.98 17.04 3.50
CA ALA C 235 -8.44 17.20 3.53
C ALA C 235 -9.03 17.00 2.14
N GLY D 1 -19.12 -23.07 33.30
CA GLY D 1 -18.13 -23.28 32.28
C GLY D 1 -17.12 -22.15 32.21
N ALA D 2 -16.77 -21.62 33.39
CA ALA D 2 -15.88 -20.48 33.49
C ALA D 2 -14.44 -20.89 33.23
N GLN D 3 -13.64 -19.90 32.80
CA GLN D 3 -12.22 -20.08 32.56
C GLN D 3 -11.44 -19.17 33.49
N VAL D 4 -10.52 -19.74 34.28
CA VAL D 4 -9.68 -18.98 35.18
C VAL D 4 -8.26 -18.98 34.66
N SER D 5 -7.57 -17.87 34.84
CA SER D 5 -6.19 -17.70 34.41
C SER D 5 -5.55 -16.65 35.30
N SER D 6 -4.22 -16.60 35.28
CA SER D 6 -3.45 -15.79 36.21
C SER D 6 -3.08 -14.45 35.59
N GLN D 7 -3.32 -13.37 36.33
CA GLN D 7 -2.83 -12.06 35.96
C GLN D 7 -1.33 -11.95 36.24
N LYS D 8 -0.65 -11.15 35.43
CA LYS D 8 0.73 -10.78 35.71
C LYS D 8 0.71 -9.45 36.46
N VAL D 9 0.96 -9.50 37.77
CA VAL D 9 0.74 -8.35 38.64
C VAL D 9 1.92 -7.39 38.50
N GLY D 10 1.63 -6.17 38.03
CA GLY D 10 2.66 -5.18 37.84
C GLY D 10 2.88 -4.28 39.04
N ALA D 11 1.82 -4.02 39.80
CA ALA D 11 1.90 -3.22 41.01
C ALA D 11 1.18 -3.96 42.14
N HIS D 12 1.84 -4.06 43.28
CA HIS D 12 1.37 -4.87 44.40
C HIS D 12 0.90 -4.00 45.55
N GLU D 13 -0.07 -4.52 46.30
CA GLU D 13 -0.53 -3.86 47.51
C GLU D 13 0.50 -3.96 48.62
N ASN D 14 0.44 -2.99 49.54
CA ASN D 14 1.31 -2.86 50.72
C ASN D 14 2.81 -2.83 50.39
N THR D 23 -0.91 -15.81 43.59
CA THR D 23 -1.37 -15.34 42.29
C THR D 23 -2.70 -14.62 42.40
N ILE D 24 -2.99 -13.76 41.44
CA ILE D 24 -4.26 -13.06 41.35
C ILE D 24 -4.94 -13.50 40.06
N ASN D 25 -6.14 -14.06 40.19
CA ASN D 25 -6.82 -14.68 39.07
C ASN D 25 -7.92 -13.81 38.50
N TYR D 26 -8.26 -14.05 37.24
CA TYR D 26 -9.37 -13.39 36.57
C TYR D 26 -10.22 -14.43 35.85
N THR D 27 -11.51 -14.18 35.79
CA THR D 27 -12.50 -15.14 35.31
C THR D 27 -13.17 -14.62 34.04
N THR D 28 -13.26 -15.50 33.03
CA THR D 28 -13.88 -15.16 31.75
C THR D 28 -14.86 -16.26 31.37
N ILE D 29 -16.07 -15.85 30.95
CA ILE D 29 -17.10 -16.76 30.45
C ILE D 29 -17.50 -16.29 29.07
N ASN D 30 -17.49 -17.19 28.08
CA ASN D 30 -17.93 -16.89 26.73
C ASN D 30 -19.45 -17.05 26.64
N TYR D 31 -20.15 -15.95 26.34
CA TYR D 31 -21.61 -15.92 26.40
C TYR D 31 -22.30 -16.20 25.07
N TYR D 32 -21.55 -16.25 23.96
CA TYR D 32 -22.15 -16.42 22.65
C TYR D 32 -21.51 -17.62 21.94
N LYS D 33 -22.25 -18.18 20.98
CA LYS D 33 -21.85 -19.43 20.34
C LYS D 33 -20.72 -19.23 19.33
N ASP D 34 -20.79 -18.16 18.55
CA ASP D 34 -19.79 -17.89 17.52
C ASP D 34 -18.46 -17.49 18.14
N SER D 35 -17.37 -17.99 17.56
CA SER D 35 -16.03 -17.72 18.09
C SER D 35 -15.54 -16.31 17.78
N ALA D 36 -16.15 -15.63 16.80
CA ALA D 36 -15.83 -14.22 16.54
C ALA D 36 -16.31 -13.29 17.64
N SER D 37 -17.29 -13.74 18.44
CA SER D 37 -17.81 -13.00 19.57
C SER D 37 -16.86 -12.95 20.77
N ASN D 38 -15.88 -13.85 20.81
CA ASN D 38 -15.07 -14.09 21.99
C ASN D 38 -14.08 -12.95 22.25
N ALA D 39 -13.61 -12.87 23.48
CA ALA D 39 -12.59 -11.91 23.85
C ALA D 39 -11.24 -12.34 23.27
N ALA D 40 -10.34 -11.38 23.18
CA ALA D 40 -8.96 -11.66 22.83
C ALA D 40 -8.27 -12.18 24.09
N SER D 41 -7.73 -13.40 24.01
CA SER D 41 -7.12 -14.03 25.18
C SER D 41 -5.82 -13.35 25.57
N LYS D 42 -5.02 -12.95 24.57
CA LYS D 42 -3.72 -12.26 24.70
C LYS D 42 -2.71 -13.07 25.52
N GLN D 43 -2.78 -14.40 25.43
CA GLN D 43 -1.84 -15.29 26.09
C GLN D 43 -0.91 -15.96 25.09
N ASP D 44 -0.75 -15.38 23.90
CA ASP D 44 0.04 -16.00 22.84
C ASP D 44 1.53 -15.92 23.14
N TYR D 45 2.24 -16.97 22.77
CA TYR D 45 3.66 -17.12 23.03
C TYR D 45 4.47 -16.62 21.84
N SER D 46 5.73 -16.29 22.10
CA SER D 46 6.63 -15.85 21.05
C SER D 46 7.18 -17.04 20.27
N GLN D 47 7.92 -16.74 19.21
CA GLN D 47 8.53 -17.76 18.38
C GLN D 47 9.95 -17.33 18.02
N ASP D 48 10.72 -18.29 17.55
CA ASP D 48 12.09 -18.06 17.09
C ASP D 48 12.05 -17.25 15.79
N PRO D 49 12.79 -16.11 15.70
CA PRO D 49 12.89 -15.39 14.41
C PRO D 49 13.90 -15.95 13.42
N SER D 50 14.31 -17.22 13.60
CA SER D 50 15.30 -17.87 12.75
C SER D 50 14.80 -18.06 11.31
N LYS D 51 13.48 -18.12 11.09
CA LYS D 51 12.98 -18.24 9.73
C LYS D 51 13.10 -16.93 8.94
N PHE D 52 13.33 -15.80 9.62
CA PHE D 52 13.62 -14.54 8.96
C PHE D 52 15.07 -14.08 9.11
N THR D 53 15.71 -14.39 10.23
CA THR D 53 17.05 -13.87 10.50
C THR D 53 18.17 -14.82 10.10
N GLU D 54 17.95 -16.13 10.11
CA GLU D 54 18.91 -17.11 9.58
C GLU D 54 18.23 -18.11 8.65
N PRO D 55 17.79 -17.68 7.46
CA PRO D 55 17.09 -18.63 6.58
C PRO D 55 18.01 -19.40 5.65
N LEU D 56 19.10 -19.94 6.16
CA LEU D 56 20.14 -20.60 5.37
C LEU D 56 19.83 -22.08 5.23
N LYS D 57 20.33 -22.66 4.14
CA LYS D 57 20.27 -24.10 3.97
C LYS D 57 21.32 -24.80 4.83
N ASP D 58 22.55 -24.31 4.79
CA ASP D 58 23.62 -24.81 5.64
C ASP D 58 23.80 -23.80 6.78
N VAL D 59 23.07 -24.03 7.87
CA VAL D 59 23.11 -23.14 9.01
C VAL D 59 24.42 -23.32 9.77
N LEU D 60 25.08 -22.20 10.07
CA LEU D 60 26.35 -22.20 10.78
C LEU D 60 26.21 -21.51 12.11
N ILE D 61 27.01 -21.95 13.08
CA ILE D 61 27.07 -21.32 14.39
C ILE D 61 27.78 -19.97 14.26
N LYS D 62 27.48 -19.05 15.19
CA LYS D 62 27.98 -17.68 15.13
C LYS D 62 29.49 -17.59 15.34
N THR D 63 30.09 -18.57 16.02
CA THR D 63 31.53 -18.56 16.24
C THR D 63 32.32 -18.97 15.00
N ALA D 64 31.72 -19.79 14.14
CA ALA D 64 32.32 -20.22 12.88
C ALA D 64 32.37 -19.04 11.90
N PRO D 65 33.32 -19.05 10.95
CA PRO D 65 33.27 -18.05 9.87
C PRO D 65 32.05 -18.26 8.98
N ALA D 66 31.50 -17.14 8.49
CA ALA D 66 30.28 -17.12 7.70
C ALA D 66 30.49 -17.40 6.21
N LEU D 67 31.67 -17.86 5.83
CA LEU D 67 31.96 -18.25 4.45
C LEU D 67 32.83 -19.49 4.43
N VAL E 2 -28.75 32.05 -10.86
CA VAL E 2 -27.40 32.13 -11.42
C VAL E 2 -27.34 33.14 -12.56
N GLN E 3 -26.51 34.16 -12.39
CA GLN E 3 -26.28 35.17 -13.42
C GLN E 3 -24.95 34.86 -14.10
N SER E 4 -24.99 34.67 -15.41
CA SER E 4 -23.85 34.14 -16.14
C SER E 4 -23.04 35.22 -16.84
N GLY E 5 -23.33 36.49 -16.59
CA GLY E 5 -22.54 37.60 -17.08
C GLY E 5 -22.84 38.07 -18.50
N ALA E 6 -23.41 37.21 -19.35
CA ALA E 6 -23.78 37.46 -20.75
C ALA E 6 -22.64 38.00 -21.62
N LEU E 8 -19.90 38.27 -26.45
CA LEU E 8 -18.47 38.55 -26.45
C LEU E 8 -17.78 37.95 -27.67
N LYS E 9 -16.95 38.73 -28.37
CA LYS E 9 -16.23 38.21 -29.52
C LYS E 9 -14.94 38.99 -29.78
N LYS E 10 -13.84 38.25 -30.03
CA LYS E 10 -12.54 38.67 -30.58
C LYS E 10 -11.69 37.44 -30.87
N PRO E 11 -10.76 37.49 -31.83
CA PRO E 11 -9.82 36.38 -32.01
C PRO E 11 -8.54 36.54 -31.21
N GLY E 12 -8.01 35.42 -30.72
CA GLY E 12 -6.71 35.40 -30.07
C GLY E 12 -6.66 35.86 -28.62
N ALA E 13 -7.18 37.05 -28.36
CA ALA E 13 -7.04 37.72 -27.06
C ALA E 13 -7.93 37.05 -26.00
N SER E 14 -7.60 37.34 -24.74
CA SER E 14 -8.17 36.65 -23.60
C SER E 14 -9.57 37.16 -23.25
N VAL E 15 -10.44 36.23 -22.84
CA VAL E 15 -11.84 36.51 -22.55
C VAL E 15 -12.13 36.06 -21.11
N LYS E 16 -12.78 36.92 -20.34
CA LYS E 16 -13.11 36.66 -18.94
C LYS E 16 -14.61 36.39 -18.80
N PHE E 17 -14.96 35.55 -17.82
CA PHE E 17 -16.33 35.09 -17.60
C PHE E 17 -16.72 35.35 -16.15
N SER E 18 -18.03 35.38 -15.88
CA SER E 18 -18.54 35.59 -14.53
C SER E 18 -19.72 34.68 -14.25
N CYS E 19 -19.85 34.27 -12.98
CA CYS E 19 -20.97 33.44 -12.55
C CYS E 19 -21.30 33.77 -11.10
N GLN E 20 -22.41 34.48 -10.89
CA GLN E 20 -22.84 34.92 -9.58
C GLN E 20 -23.99 34.05 -9.10
N ALA E 21 -23.91 33.59 -7.85
CA ALA E 21 -24.93 32.73 -7.26
C ALA E 21 -25.31 33.27 -5.89
N SER E 22 -26.34 32.65 -5.30
CA SER E 22 -26.75 32.97 -3.95
C SER E 22 -25.69 32.53 -2.94
N GLY E 23 -25.68 33.20 -1.78
CA GLY E 23 -24.55 33.10 -0.85
C GLY E 23 -24.40 31.75 -0.19
N PHE E 24 -25.52 31.11 0.17
CA PHE E 24 -25.50 29.79 0.77
C PHE E 24 -24.97 28.74 -0.20
N THR E 25 -25.43 28.79 -1.45
CA THR E 25 -24.95 27.87 -2.46
C THR E 25 -23.51 28.19 -2.89
N PHE E 26 -23.10 29.45 -2.78
CA PHE E 26 -21.72 29.83 -3.05
C PHE E 26 -20.76 29.25 -2.02
N THR E 27 -21.06 29.42 -0.73
CA THR E 27 -20.16 28.91 0.29
C THR E 27 -20.27 27.40 0.49
N THR E 28 -21.47 26.84 0.32
CA THR E 28 -21.66 25.44 0.68
C THR E 28 -21.26 24.49 -0.45
N TYR E 29 -21.58 24.83 -1.70
CA TYR E 29 -21.47 23.89 -2.81
C TYR E 29 -20.36 24.30 -3.76
N ASP E 30 -19.88 23.32 -4.52
CA ASP E 30 -18.89 23.55 -5.55
C ASP E 30 -19.55 24.11 -6.81
N ILE E 31 -18.74 24.80 -7.62
CA ILE E 31 -19.19 25.44 -8.85
C ILE E 31 -18.41 24.85 -10.01
N HIS E 32 -19.11 24.37 -11.03
CA HIS E 32 -18.49 23.74 -12.19
C HIS E 32 -18.74 24.55 -13.45
N TRP E 33 -17.86 24.37 -14.44
CA TRP E 33 -17.96 25.01 -15.74
C TRP E 33 -18.02 23.96 -16.84
N VAL E 34 -19.01 24.07 -17.73
CA VAL E 34 -19.23 23.18 -18.86
C VAL E 34 -19.38 24.07 -20.10
N ARG E 35 -18.84 23.63 -21.23
CA ARG E 35 -19.07 24.34 -22.48
C ARG E 35 -19.69 23.41 -23.51
N GLN E 36 -20.31 24.02 -24.54
CA GLN E 36 -20.98 23.26 -25.59
C GLN E 36 -20.82 24.04 -26.91
N ALA E 37 -19.93 23.56 -27.76
CA ALA E 37 -19.88 24.01 -29.14
C ALA E 37 -21.10 23.51 -29.91
N PRO E 38 -21.57 24.27 -30.96
CA PRO E 38 -22.80 23.87 -31.67
C PRO E 38 -22.75 22.54 -32.40
N GLY E 39 -23.49 21.56 -31.89
CA GLY E 39 -23.54 20.23 -32.44
C GLY E 39 -22.42 19.31 -32.01
N GLN E 40 -21.47 19.79 -31.21
CA GLN E 40 -20.30 19.01 -30.82
C GLN E 40 -20.42 18.38 -29.44
N GLY E 41 -21.51 18.62 -28.73
CA GLY E 41 -21.73 17.99 -27.43
C GLY E 41 -21.10 18.76 -26.27
N LEU E 42 -21.40 18.26 -25.08
CA LEU E 42 -20.93 18.91 -23.85
C LEU E 42 -19.45 18.60 -23.62
N GLU E 43 -18.81 19.49 -22.85
CA GLU E 43 -17.38 19.37 -22.57
C GLU E 43 -17.10 20.02 -21.23
N TRP E 44 -16.53 19.25 -20.30
CA TRP E 44 -16.22 19.76 -18.97
C TRP E 44 -14.99 20.66 -19.00
N MET E 45 -15.00 21.68 -18.16
CA MET E 45 -13.91 22.64 -18.10
C MET E 45 -13.19 22.66 -16.76
N GLY E 46 -13.90 22.63 -15.64
CA GLY E 46 -13.22 22.63 -14.36
C GLY E 46 -14.19 22.74 -13.20
N MET E 47 -13.61 22.94 -12.01
CA MET E 47 -14.33 23.01 -10.76
C MET E 47 -13.73 24.10 -9.89
N ILE E 48 -14.59 24.94 -9.32
CA ILE E 48 -14.22 25.91 -8.29
C ILE E 48 -14.96 25.53 -7.02
N SER E 49 -14.24 25.45 -5.91
CA SER E 49 -14.82 25.14 -4.61
C SER E 49 -14.60 26.35 -3.71
N PRO E 50 -15.55 27.28 -3.63
CA PRO E 50 -15.35 28.50 -2.81
C PRO E 50 -15.32 28.28 -1.30
N SER E 51 -15.68 27.09 -0.82
CA SER E 51 -15.54 26.75 0.59
C SER E 51 -14.07 26.68 1.03
N ARG E 52 -13.17 26.33 0.10
CA ARG E 52 -11.77 26.16 0.45
C ARG E 52 -10.81 26.69 -0.62
N ASP E 53 -11.34 27.33 -1.67
CA ASP E 53 -10.61 27.96 -2.78
C ASP E 53 -9.77 26.97 -3.58
N SER E 54 -10.12 25.68 -3.55
CA SER E 54 -9.40 24.69 -4.33
C SER E 54 -9.99 24.58 -5.73
N THR E 55 -9.12 24.55 -6.74
CA THR E 55 -9.53 24.51 -8.13
C THR E 55 -8.89 23.31 -8.83
N ILE E 56 -9.69 22.64 -9.66
CA ILE E 56 -9.24 21.53 -10.49
C ILE E 56 -9.62 21.86 -11.93
N TYR E 57 -8.67 21.68 -12.85
CA TYR E 57 -8.87 22.01 -14.26
C TYR E 57 -8.82 20.73 -15.10
N ALA E 58 -9.53 20.75 -16.22
CA ALA E 58 -9.50 19.63 -17.16
C ALA E 58 -8.16 19.58 -17.88
N GLN E 59 -7.79 18.38 -18.33
CA GLN E 59 -6.47 18.14 -18.90
C GLN E 59 -6.32 18.81 -20.27
N LYS E 60 -7.41 18.99 -21.01
CA LYS E 60 -7.39 19.78 -22.24
C LYS E 60 -7.19 21.26 -21.95
N PHE E 61 -7.61 21.72 -20.78
CA PHE E 61 -7.66 23.14 -20.44
C PHE E 61 -6.77 23.52 -19.26
N GLN E 62 -5.77 22.70 -18.92
CA GLN E 62 -5.01 22.91 -17.69
C GLN E 62 -4.10 24.13 -17.77
N GLY E 63 -3.62 24.48 -18.96
CA GLY E 63 -2.75 25.62 -19.09
C GLY E 63 -3.48 26.92 -19.39
N ARG E 64 -4.50 26.85 -20.25
CA ARG E 64 -5.13 28.05 -20.78
C ARG E 64 -6.11 28.71 -19.81
N VAL E 65 -6.67 27.97 -18.86
CA VAL E 65 -7.81 28.41 -18.08
C VAL E 65 -7.38 28.66 -16.63
N THR E 66 -7.75 29.83 -16.10
CA THR E 66 -7.49 30.25 -14.72
C THR E 66 -8.81 30.65 -14.08
N MET E 67 -9.03 30.21 -12.83
CA MET E 67 -10.28 30.45 -12.12
C MET E 67 -10.03 31.10 -10.77
N THR E 68 -10.83 32.14 -10.46
CA THR E 68 -10.74 32.86 -9.20
C THR E 68 -12.11 32.89 -8.52
N SER E 69 -12.10 33.24 -7.23
CA SER E 69 -13.29 33.38 -6.43
C SER E 69 -13.35 34.77 -5.78
N ASP E 70 -14.58 35.17 -5.44
CA ASP E 70 -14.89 36.49 -4.89
C ASP E 70 -16.01 36.30 -3.88
N THR E 71 -15.67 36.39 -2.59
CA THR E 71 -16.67 36.19 -1.55
C THR E 71 -17.48 37.45 -1.28
N SER E 72 -17.05 38.61 -1.78
CA SER E 72 -17.74 39.86 -1.48
C SER E 72 -19.03 40.00 -2.27
N THR E 73 -19.04 39.59 -3.54
CA THR E 73 -20.23 39.64 -4.37
C THR E 73 -20.78 38.25 -4.66
N SER E 74 -20.17 37.21 -4.05
CA SER E 74 -20.53 35.78 -4.18
C SER E 74 -20.51 35.32 -5.63
N THR E 75 -19.41 35.63 -6.31
CA THR E 75 -19.24 35.41 -7.74
C THR E 75 -17.94 34.67 -7.97
N VAL E 76 -17.93 33.77 -8.96
CA VAL E 76 -16.70 33.12 -9.41
C VAL E 76 -16.39 33.63 -10.81
N TYR E 77 -15.10 33.68 -11.13
CA TYR E 77 -14.65 34.15 -12.43
C TYR E 77 -13.72 33.14 -13.06
N MET E 78 -13.82 33.00 -14.39
CA MET E 78 -12.95 32.16 -15.18
C MET E 78 -12.33 33.01 -16.28
N GLU E 79 -11.01 32.91 -16.45
CA GLU E 79 -10.32 33.58 -17.55
C GLU E 79 -9.70 32.53 -18.45
N LEU E 80 -10.08 32.57 -19.72
CA LEU E 80 -9.41 31.81 -20.77
C LEU E 80 -8.31 32.71 -21.32
N THR E 81 -7.04 32.38 -21.00
CA THR E 81 -5.92 33.29 -21.24
C THR E 81 -5.56 33.44 -22.72
N SER E 82 -5.93 32.48 -23.56
CA SER E 82 -5.79 32.59 -25.00
C SER E 82 -6.85 31.71 -25.64
N LEU E 83 -7.42 32.18 -26.73
CA LEU E 83 -8.53 31.48 -27.37
C LEU E 83 -8.21 31.21 -28.83
N ARG E 84 -8.76 30.10 -29.33
CA ARG E 84 -8.62 29.70 -30.72
C ARG E 84 -10.01 29.55 -31.32
N SER E 85 -10.04 29.30 -32.63
CA SER E 85 -11.30 29.30 -33.40
C SER E 85 -12.24 28.15 -33.02
N GLU E 86 -11.71 27.08 -32.44
CA GLU E 86 -12.52 25.97 -31.95
C GLU E 86 -13.31 26.33 -30.69
N ASP E 87 -12.89 27.37 -29.97
CA ASP E 87 -13.55 27.79 -28.73
C ASP E 87 -14.83 28.58 -28.94
N THR E 88 -15.31 28.72 -30.18
CA THR E 88 -16.62 29.30 -30.47
C THR E 88 -17.69 28.35 -29.94
N ALA E 89 -18.29 28.70 -28.81
CA ALA E 89 -19.10 27.75 -28.06
C ALA E 89 -20.05 28.49 -27.14
N LEU E 90 -21.01 27.76 -26.59
CA LEU E 90 -21.90 28.25 -25.54
C LEU E 90 -21.40 27.68 -24.21
N TYR E 91 -21.10 28.55 -23.26
CA TYR E 91 -20.40 28.20 -22.03
C TYR E 91 -21.36 28.27 -20.84
N TYR E 92 -21.47 27.18 -20.08
CA TYR E 92 -22.43 27.10 -18.99
C TYR E 92 -21.75 27.11 -17.63
N CYS E 93 -22.43 27.68 -16.64
CA CYS E 93 -22.03 27.63 -15.25
C CYS E 93 -23.05 26.76 -14.50
N ALA E 94 -22.55 25.80 -13.72
CA ALA E 94 -23.41 24.85 -13.03
C ALA E 94 -22.99 24.75 -11.57
N THR E 95 -23.99 24.57 -10.71
CA THR E 95 -23.79 24.45 -9.27
C THR E 95 -24.04 23.00 -8.87
N ALA E 96 -23.09 22.42 -8.14
CA ALA E 96 -23.14 21.01 -7.73
C ALA E 96 -24.05 20.88 -6.50
N SER E 97 -25.34 20.71 -6.74
CA SER E 97 -26.33 20.74 -5.67
C SER E 97 -26.95 19.38 -5.35
N ARG E 98 -26.99 18.46 -6.31
CA ARG E 98 -27.66 17.17 -6.08
C ARG E 98 -26.71 16.20 -5.40
N PRO E 99 -27.01 15.75 -4.18
CA PRO E 99 -26.08 14.86 -3.47
C PRO E 99 -26.28 13.39 -3.83
N SER E 100 -25.17 12.68 -3.93
CA SER E 100 -25.21 11.27 -4.27
C SER E 100 -25.33 10.44 -3.00
N ALA E 101 -25.90 9.23 -3.16
CA ALA E 101 -25.99 8.31 -2.04
C ALA E 101 -24.64 7.72 -1.69
N TRP E 102 -23.79 7.50 -2.67
CA TRP E 102 -22.50 6.84 -2.45
C TRP E 102 -21.51 7.78 -1.80
N VAL E 103 -20.82 7.29 -0.77
CA VAL E 103 -19.85 8.07 -0.05
C VAL E 103 -18.58 8.18 -0.88
N PHE E 104 -18.16 9.41 -1.17
CA PHE E 104 -16.93 9.63 -1.93
C PHE E 104 -15.73 9.39 -1.02
N ARG E 105 -14.79 8.58 -1.52
CA ARG E 105 -13.74 7.90 -0.75
C ARG E 105 -14.39 7.19 0.44
N SER E 106 -14.11 7.66 1.65
CA SER E 106 -14.91 7.23 2.79
C SER E 106 -15.24 8.38 3.73
N LEU E 107 -15.00 9.63 3.33
CA LEU E 107 -15.15 10.77 4.21
C LEU E 107 -15.97 11.92 3.64
N TYR E 108 -16.41 11.83 2.38
CA TYR E 108 -17.04 12.97 1.70
C TYR E 108 -18.30 12.52 0.98
N THR E 109 -19.05 13.51 0.49
CA THR E 109 -20.28 13.28 -0.25
C THR E 109 -20.12 13.84 -1.66
N TYR E 110 -20.39 13.02 -2.67
CA TYR E 110 -20.29 13.45 -4.06
C TYR E 110 -21.52 14.25 -4.47
N TYR E 111 -21.33 15.18 -5.40
CA TYR E 111 -22.39 16.06 -5.86
C TYR E 111 -22.45 16.12 -7.39
N TYR E 112 -23.64 15.95 -7.95
CA TYR E 112 -23.90 16.26 -9.36
C TYR E 112 -24.53 17.64 -9.46
N MET E 113 -24.71 18.10 -10.70
CA MET E 113 -25.34 19.39 -10.97
C MET E 113 -26.78 19.17 -11.44
N ASP E 114 -27.69 19.94 -10.87
CA ASP E 114 -29.04 20.06 -11.40
C ASP E 114 -29.50 21.52 -11.47
N VAL E 115 -28.65 22.47 -11.10
CA VAL E 115 -28.92 23.90 -11.25
C VAL E 115 -27.94 24.43 -12.28
N TRP E 116 -28.47 24.92 -13.41
CA TRP E 116 -27.66 25.37 -14.54
C TRP E 116 -28.01 26.80 -14.89
N GLY E 117 -26.99 27.59 -15.22
CA GLY E 117 -27.21 28.93 -15.72
C GLY E 117 -27.58 28.94 -17.19
N THR E 118 -28.08 30.09 -17.65
CA THR E 118 -28.45 30.24 -19.05
C THR E 118 -27.24 30.38 -19.96
N GLY E 119 -26.10 30.80 -19.43
CA GLY E 119 -24.86 30.78 -20.16
C GLY E 119 -24.61 31.97 -21.06
N THR E 120 -23.48 31.91 -21.76
CA THR E 120 -23.12 32.97 -22.69
C THR E 120 -22.41 32.38 -23.92
N THR E 121 -22.59 33.05 -25.04
CA THR E 121 -22.05 32.65 -26.33
C THR E 121 -20.83 33.51 -26.65
N VAL E 122 -19.71 32.86 -26.95
CA VAL E 122 -18.46 33.53 -27.31
C VAL E 122 -18.07 33.02 -28.70
N THR E 123 -17.74 33.95 -29.59
CA THR E 123 -17.28 33.65 -30.95
C THR E 123 -15.83 34.09 -31.10
N VAL E 124 -14.97 33.18 -31.57
CA VAL E 124 -13.56 33.52 -31.75
C VAL E 124 -13.24 33.58 -33.24
N SER E 125 -13.40 34.77 -33.84
CA SER E 125 -13.09 35.02 -35.24
C SER E 125 -12.97 36.54 -35.41
N SER E 126 -12.37 36.93 -36.53
CA SER E 126 -12.21 38.34 -36.87
C SER E 126 -13.56 38.94 -37.28
N ALA F 3 -13.97 11.50 -24.55
CA ALA F 3 -15.39 11.47 -24.23
C ALA F 3 -15.94 10.06 -24.35
N LEU F 4 -17.00 9.78 -23.60
CA LEU F 4 -17.58 8.45 -23.56
C LEU F 4 -18.40 8.19 -24.81
N THR F 5 -18.37 6.94 -25.27
CA THR F 5 -19.01 6.59 -26.54
C THR F 5 -20.53 6.48 -26.38
N GLN F 6 -21.24 7.11 -27.32
CA GLN F 6 -22.69 7.04 -27.43
C GLN F 6 -23.04 6.89 -28.90
N PRO F 7 -24.16 6.24 -29.22
CA PRO F 7 -24.67 6.28 -30.60
C PRO F 7 -25.10 7.69 -30.99
N ALA F 8 -24.93 8.02 -32.26
CA ALA F 8 -25.14 9.39 -32.73
C ALA F 8 -26.63 9.75 -32.77
N SER F 9 -27.48 8.83 -33.25
CA SER F 9 -28.90 9.09 -33.34
C SER F 9 -29.68 7.77 -33.23
N VAL F 10 -30.79 7.82 -32.48
CA VAL F 10 -31.75 6.73 -32.34
C VAL F 10 -33.11 7.32 -32.71
N SER F 11 -33.95 6.52 -33.38
CA SER F 11 -35.28 6.96 -33.79
C SER F 11 -36.33 5.95 -33.35
N GLY F 12 -37.57 6.42 -33.22
CA GLY F 12 -38.67 5.53 -32.88
C GLY F 12 -39.99 6.27 -32.89
N SER F 13 -41.06 5.49 -33.11
CA SER F 13 -42.42 5.99 -33.10
C SER F 13 -42.92 6.16 -31.66
N PRO F 14 -43.98 6.95 -31.44
CA PRO F 14 -44.59 7.00 -30.10
C PRO F 14 -45.16 5.67 -29.63
N GLY F 15 -45.02 5.43 -28.32
CA GLY F 15 -45.43 4.18 -27.72
C GLY F 15 -44.36 3.11 -27.66
N GLN F 16 -43.22 3.32 -28.31
CA GLN F 16 -42.16 2.33 -28.34
C GLN F 16 -41.27 2.44 -27.10
N SER F 17 -40.45 1.42 -26.90
CA SER F 17 -39.46 1.37 -25.83
C SER F 17 -38.06 1.43 -26.45
N ILE F 18 -37.27 2.41 -26.01
CA ILE F 18 -36.00 2.75 -26.65
C ILE F 18 -34.91 2.76 -25.58
N THR F 19 -33.81 2.05 -25.85
CA THR F 19 -32.67 1.99 -24.95
C THR F 19 -31.47 2.71 -25.57
N ILE F 20 -30.91 3.68 -24.85
CA ILE F 20 -29.72 4.41 -25.24
C ILE F 20 -28.56 3.96 -24.35
N SER F 21 -27.45 3.55 -24.97
CA SER F 21 -26.34 2.92 -24.27
C SER F 21 -25.14 3.87 -24.18
N CYS F 22 -24.48 3.86 -23.04
CA CYS F 22 -23.28 4.68 -22.80
C CYS F 22 -22.16 3.74 -22.36
N THR F 23 -21.18 3.55 -23.24
CA THR F 23 -20.05 2.65 -22.97
C THR F 23 -18.82 3.50 -22.70
N GLY F 24 -18.22 3.31 -21.53
CA GLY F 24 -17.01 4.03 -21.16
C GLY F 24 -15.78 3.15 -21.24
N THR F 25 -15.13 2.91 -20.09
CA THR F 25 -13.90 2.13 -20.05
C THR F 25 -13.71 1.61 -18.63
N ILE F 26 -12.57 0.95 -18.41
CA ILE F 26 -12.18 0.62 -17.05
C ILE F 26 -11.76 1.90 -16.31
N THR F 27 -11.86 1.87 -14.98
CA THR F 27 -12.23 2.98 -14.07
C THR F 27 -13.64 3.39 -14.50
N ASP F 28 -13.96 4.69 -14.50
CA ASP F 28 -15.10 5.34 -15.20
C ASP F 28 -16.45 4.75 -14.80
N ILE F 29 -17.26 4.29 -15.76
CA ILE F 29 -18.54 3.63 -15.49
C ILE F 29 -18.34 2.33 -14.72
N GLY F 30 -17.31 1.57 -15.09
CA GLY F 30 -17.12 0.23 -14.53
C GLY F 30 -16.75 0.19 -13.05
N TYR F 31 -15.93 1.14 -12.60
CA TYR F 31 -15.54 1.18 -11.19
C TYR F 31 -16.54 1.96 -10.36
N TYR F 32 -16.79 3.21 -10.72
CA TYR F 32 -17.62 4.09 -9.92
C TYR F 32 -19.10 3.92 -10.25
N ASN F 33 -19.93 4.16 -9.24
CA ASN F 33 -21.38 4.19 -9.42
C ASN F 33 -21.90 5.61 -9.53
N TYR F 34 -21.05 6.56 -9.92
CA TYR F 34 -21.44 7.95 -10.18
C TYR F 34 -21.76 8.14 -11.67
N VAL F 35 -22.69 7.34 -12.17
CA VAL F 35 -23.11 7.42 -13.56
C VAL F 35 -24.44 8.17 -13.62
N SER F 36 -24.51 9.18 -14.49
CA SER F 36 -25.66 10.08 -14.54
C SER F 36 -26.06 10.34 -15.99
N TRP F 37 -27.29 10.85 -16.15
CA TRP F 37 -27.86 11.14 -17.46
C TRP F 37 -28.51 12.51 -17.44
N TYR F 38 -28.47 13.18 -18.59
CA TYR F 38 -29.02 14.53 -18.75
C TYR F 38 -29.90 14.58 -19.98
N GLN F 39 -30.82 15.55 -19.99
CA GLN F 39 -31.70 15.79 -21.13
C GLN F 39 -31.55 17.24 -21.57
N GLN F 40 -31.46 17.47 -22.88
CA GLN F 40 -31.34 18.83 -23.41
C GLN F 40 -32.22 18.95 -24.65
N HIS F 41 -33.28 19.72 -24.52
CA HIS F 41 -34.09 20.20 -25.63
C HIS F 41 -33.34 21.32 -26.35
N PRO F 42 -33.70 21.63 -27.60
CA PRO F 42 -32.99 22.71 -28.33
C PRO F 42 -33.14 24.11 -27.74
N GLY F 43 -32.00 24.70 -27.38
CA GLY F 43 -31.94 26.00 -26.75
C GLY F 43 -32.03 25.98 -25.24
N LYS F 44 -32.39 24.86 -24.64
CA LYS F 44 -32.59 24.78 -23.21
C LYS F 44 -31.30 24.40 -22.49
N ALA F 45 -31.28 24.69 -21.20
CA ALA F 45 -30.25 24.21 -20.30
C ALA F 45 -30.42 22.72 -20.08
N PRO F 46 -29.33 22.00 -19.77
CA PRO F 46 -29.46 20.57 -19.43
C PRO F 46 -30.24 20.33 -18.15
N LYS F 47 -31.01 19.25 -18.14
CA LYS F 47 -31.84 18.84 -17.02
C LYS F 47 -31.47 17.43 -16.62
N LEU F 48 -31.24 17.23 -15.32
CA LEU F 48 -30.88 15.92 -14.78
C LEU F 48 -32.08 14.99 -14.78
N ILE F 49 -31.92 13.79 -15.35
CA ILE F 49 -33.05 12.87 -15.44
C ILE F 49 -32.80 11.60 -14.62
N ILE F 50 -31.53 11.27 -14.40
CA ILE F 50 -31.07 10.12 -13.62
C ILE F 50 -29.77 10.55 -12.94
N PHE F 51 -29.69 10.47 -11.60
CA PHE F 51 -28.49 10.97 -10.92
C PHE F 51 -27.52 9.86 -10.52
N ASP F 52 -27.92 8.94 -9.65
CA ASP F 52 -27.22 7.68 -9.49
C ASP F 52 -27.83 6.72 -10.49
N VAL F 53 -27.09 5.62 -10.74
CA VAL F 53 -27.20 4.63 -11.83
C VAL F 53 -28.63 4.21 -12.18
N THR F 54 -29.42 3.92 -11.15
CA THR F 54 -30.80 3.48 -11.33
C THR F 54 -31.82 4.43 -10.71
N ASN F 55 -31.38 5.60 -10.22
CA ASN F 55 -32.22 6.45 -9.39
C ASN F 55 -32.64 7.71 -10.12
N ARG F 56 -33.91 8.10 -9.93
CA ARG F 56 -34.55 9.24 -10.59
C ARG F 56 -34.72 10.42 -9.63
N PRO F 57 -34.43 11.63 -10.08
CA PRO F 57 -34.79 12.82 -9.30
C PRO F 57 -36.29 13.06 -9.24
N SER F 58 -36.67 13.94 -8.32
CA SER F 58 -38.07 14.31 -8.13
C SER F 58 -38.61 15.11 -9.31
N GLY F 59 -39.79 14.74 -9.79
CA GLY F 59 -40.41 15.38 -10.92
C GLY F 59 -40.10 14.74 -12.26
N VAL F 60 -39.10 13.86 -12.33
CA VAL F 60 -38.80 13.11 -13.55
C VAL F 60 -39.82 11.99 -13.66
N SER F 61 -40.41 11.85 -14.85
CA SER F 61 -41.46 10.87 -15.09
C SER F 61 -40.91 9.44 -15.03
N ASP F 62 -41.79 8.51 -14.68
CA ASP F 62 -41.40 7.13 -14.39
C ASP F 62 -41.02 6.32 -15.63
N ARG F 63 -41.25 6.86 -16.85
CA ARG F 63 -40.87 6.17 -18.08
C ARG F 63 -39.36 6.12 -18.30
N PHE F 64 -38.58 6.93 -17.61
CA PHE F 64 -37.13 6.83 -17.68
C PHE F 64 -36.64 5.78 -16.68
N SER F 65 -35.62 5.03 -17.09
CA SER F 65 -35.01 4.02 -16.23
C SER F 65 -33.57 3.81 -16.68
N GLY F 66 -32.75 3.31 -15.75
CA GLY F 66 -31.33 3.14 -16.01
C GLY F 66 -30.79 1.87 -15.41
N SER F 67 -29.63 1.45 -15.92
CA SER F 67 -28.98 0.22 -15.46
C SER F 67 -27.49 0.25 -15.80
N LYS F 68 -26.75 -0.67 -15.18
CA LYS F 68 -25.31 -0.84 -15.41
C LYS F 68 -25.02 -2.32 -15.59
N SER F 69 -24.21 -2.66 -16.59
CA SER F 69 -23.88 -4.05 -16.88
C SER F 69 -22.38 -4.31 -16.92
N GLY F 70 -21.56 -3.37 -16.46
CA GLY F 70 -20.12 -3.51 -16.58
C GLY F 70 -19.47 -2.18 -16.91
N ASN F 71 -18.79 -2.10 -18.05
CA ASN F 71 -18.26 -0.86 -18.60
C ASN F 71 -19.30 -0.06 -19.38
N THR F 72 -20.57 -0.46 -19.31
CA THR F 72 -21.64 0.09 -20.11
C THR F 72 -22.82 0.43 -19.21
N ALA F 73 -23.37 1.63 -19.38
CA ALA F 73 -24.60 2.02 -18.70
C ALA F 73 -25.64 2.38 -19.74
N SER F 74 -26.88 1.94 -19.49
CA SER F 74 -27.95 2.06 -20.47
C SER F 74 -29.12 2.85 -19.88
N LEU F 75 -29.69 3.74 -20.69
CA LEU F 75 -30.87 4.51 -20.32
C LEU F 75 -32.03 4.01 -21.17
N THR F 76 -33.11 3.59 -20.52
CA THR F 76 -34.26 3.01 -21.18
C THR F 76 -35.48 3.91 -20.99
N ILE F 77 -36.11 4.30 -22.10
CA ILE F 77 -37.34 5.08 -22.09
C ILE F 77 -38.46 4.19 -22.60
N SER F 78 -39.44 3.91 -21.74
CA SER F 78 -40.53 2.98 -22.07
C SER F 78 -41.83 3.75 -22.22
N GLY F 79 -42.43 3.67 -23.40
CA GLY F 79 -43.60 4.49 -23.66
C GLY F 79 -43.18 5.88 -24.13
N LEU F 80 -42.56 5.91 -25.31
CA LEU F 80 -41.98 7.15 -25.85
C LEU F 80 -43.06 8.16 -26.21
N GLN F 81 -42.84 9.41 -25.81
CA GLN F 81 -43.75 10.51 -26.14
C GLN F 81 -43.02 11.53 -27.00
N ALA F 82 -43.79 12.42 -27.63
CA ALA F 82 -43.22 13.40 -28.56
C ALA F 82 -42.40 14.47 -27.84
N GLU F 83 -42.65 14.69 -26.54
CA GLU F 83 -41.87 15.65 -25.76
C GLU F 83 -40.49 15.12 -25.36
N ASP F 84 -40.20 13.84 -25.59
CA ASP F 84 -38.90 13.25 -25.29
C ASP F 84 -37.86 13.52 -26.38
N GLU F 85 -38.25 14.19 -27.46
CA GLU F 85 -37.31 14.50 -28.54
C GLU F 85 -36.29 15.55 -28.08
N GLY F 86 -35.03 15.30 -28.39
CA GLY F 86 -33.94 16.14 -27.97
C GLY F 86 -32.67 15.32 -27.80
N ASP F 87 -31.73 15.86 -27.04
CA ASP F 87 -30.43 15.25 -26.83
C ASP F 87 -30.35 14.61 -25.45
N TYR F 88 -29.60 13.51 -25.37
CA TYR F 88 -29.34 12.82 -24.11
C TYR F 88 -27.85 12.69 -23.89
N TYR F 89 -27.37 13.19 -22.76
CA TYR F 89 -25.94 13.20 -22.46
C TYR F 89 -25.64 12.32 -21.27
N CYS F 90 -24.67 11.43 -21.44
CA CYS F 90 -24.17 10.57 -20.39
C CYS F 90 -23.09 11.31 -19.59
N PHE F 91 -23.04 11.05 -18.29
CA PHE F 91 -22.09 11.68 -17.39
C PHE F 91 -21.57 10.63 -16.42
N SER F 92 -20.27 10.66 -16.17
CA SER F 92 -19.65 9.70 -15.26
C SER F 92 -18.40 10.33 -14.66
N HIS F 93 -17.91 9.71 -13.59
CA HIS F 93 -16.72 10.16 -12.88
C HIS F 93 -15.53 9.28 -13.27
N ARG F 94 -14.45 9.92 -13.70
CA ARG F 94 -13.18 9.29 -14.05
C ARG F 94 -12.26 9.36 -12.83
N SER F 95 -11.27 8.47 -12.78
CA SER F 95 -10.26 8.47 -11.73
C SER F 95 -9.41 9.74 -11.76
N ASN F 96 -8.69 9.93 -10.63
CA ASN F 96 -7.95 11.14 -10.22
C ASN F 96 -8.79 12.43 -10.30
N ASN F 97 -10.10 12.30 -10.06
CA ASN F 97 -11.07 13.38 -9.86
C ASN F 97 -11.16 14.34 -11.06
N ILE F 98 -11.43 13.76 -12.22
CA ILE F 98 -11.90 14.54 -13.36
C ILE F 98 -13.23 13.96 -13.79
N ARG F 99 -14.03 14.78 -14.46
CA ARG F 99 -15.36 14.43 -14.90
C ARG F 99 -15.45 14.57 -16.41
N VAL F 100 -16.17 13.66 -17.05
CA VAL F 100 -16.19 13.56 -18.50
C VAL F 100 -17.59 13.20 -18.97
N PHE F 101 -18.08 13.93 -19.98
CA PHE F 101 -19.40 13.73 -20.53
C PHE F 101 -19.38 12.69 -21.65
N GLY F 102 -20.57 12.22 -22.02
CA GLY F 102 -20.72 11.37 -23.18
C GLY F 102 -20.80 12.16 -24.46
N GLY F 103 -20.83 11.44 -25.58
CA GLY F 103 -20.90 12.08 -26.88
C GLY F 103 -22.26 12.67 -27.23
N GLY F 104 -23.32 12.20 -26.58
CA GLY F 104 -24.64 12.70 -26.85
C GLY F 104 -25.39 11.93 -27.91
N THR F 105 -26.69 11.75 -27.70
CA THR F 105 -27.54 11.00 -28.63
C THR F 105 -28.78 11.83 -28.93
N LYS F 106 -29.03 12.06 -30.22
CA LYS F 106 -30.23 12.77 -30.66
C LYS F 106 -31.35 11.77 -30.86
N LEU F 107 -32.43 11.93 -30.11
CA LEU F 107 -33.58 11.04 -30.19
C LEU F 107 -34.69 11.76 -30.96
N THR F 108 -35.11 11.15 -32.07
CA THR F 108 -36.15 11.72 -32.93
C THR F 108 -37.39 10.85 -32.82
N VAL F 109 -38.51 11.48 -32.45
CA VAL F 109 -39.78 10.79 -32.29
C VAL F 109 -40.49 10.78 -33.64
N LEU F 110 -40.53 9.62 -34.29
CA LEU F 110 -41.13 9.50 -35.62
C LEU F 110 -42.64 9.46 -35.55
C1 PLM G . -8.11 -7.18 2.81
O1 PLM G . -8.32 -7.61 1.63
O2 PLM G . -7.06 -6.69 3.27
C2 PLM G . -9.32 -7.28 3.77
C3 PLM G . -9.12 -6.85 5.23
C4 PLM G . -10.39 -6.24 5.88
C5 PLM G . -11.61 -7.19 5.89
C6 PLM G . -12.96 -6.51 6.26
C7 PLM G . -14.14 -7.49 6.37
C8 PLM G . -15.55 -6.85 6.32
C9 PLM G . -16.67 -7.88 6.07
CA PLM G . -18.09 -7.33 5.94
CB PLM G . -18.57 -6.58 7.18
CC PLM G . -20.03 -6.80 7.58
CD PLM G . -20.54 -5.73 8.55
CE PLM G . -21.90 -6.02 9.17
CF PLM G . -22.68 -4.76 9.55
CG PLM G . -23.95 -5.04 10.35
#